data_9UZH
#
_entry.id   9UZH
#
_cell.length_a   37.350
_cell.length_b   80.340
_cell.length_c   116.190
_cell.angle_alpha   90.00
_cell.angle_beta   93.37
_cell.angle_gamma   90.00
#
_symmetry.space_group_name_H-M   'P 1 21 1'
#
loop_
_entity.id
_entity.type
_entity.pdbx_description
1 polymer 'RNA-directed RNA polymerase L'
2 polymer 'mAb 2E9 Fab heavy chain'
3 polymer 'mAb 2E9 Fab light chain'
4 non-polymer 'MANGANESE (II) ION'
5 non-polymer '(2Z)-4-[1-benzyl-4-(4-chlorobenzyl)piperidin-4-yl]-2-hydroxy-4-oxobut-2-enoic acid'
6 water water
#
loop_
_entity_poly.entity_id
_entity_poly.type
_entity_poly.pdbx_seq_one_letter_code
_entity_poly.pdbx_strand_id
1 'polypeptide(L)'
;GPLGSKKPIALICAELYKPFQDLFAALPKDCSEECQTLFEDIRNSESHASAWSSALRIKGVAYEGFFSLTNSWRYIPEDL
KPTLGMAIQTVFPDKFEKFLERTHLHPEYRDFTPDYLMCRSRIFKSDRLNRSNVAVSRGKDKGGKKKETTVNKDQDDDAQ
SAVLLSHKKRFPMPEIAVQEVSSVSAVVDRFKSKSSEKGRPIRQEESRPKTESMQEDIEVDELLIVEVGYQTDIEGKVIS
DIEKWKGVVNLMSHLGIKVNVLTCADNSQTPRTDWWIDEKYVRLLLNSISYLFKELLENS
;
A
2 'polypeptide(L)'
;EVKLEESGGGLVRPGGSRKLSCAASGFTFSSYGMQWVRQAPEKGLEWVAYISSGSRTIYYADTVKGRFTISRDNPKNTLF
LQMTSLRSEDTAMYYCATGYGGTWFAYWGQGTLVTVSAASTKGPSVFPLAPSSKSTSGGTAALGCLVKDYFPEPVTVSWN
SGALTSGVHTFPAVLQSSGLYSLSSVVTVPSSSLGTQTYICNVNHKPSNTKVDKKVEPKSCDKTHHHHHH
;
H
3 'polypeptide(L)'
;QIVLSQSPLSLPVSLGDQASISCRSSQSLLHSNGNTYLHWYLQKPGQSPKLLIYKVSNRFSGVPDRFSGSGSGTDFTLKI
SRVEAEDLGVYFCSQSTHVPYTFGGGTKLEIKRTVAAPSVFIFPPSDEQLKSGTASVVCLLNNFYPREAKVQWKVDNALQ
SGNSQESVTEQDSKDSTYSLSSTLTLSKADYEKHKVYACEVTHQGLSSPVTKSFNRGEC
;
L
#
loop_
_chem_comp.id
_chem_comp.type
_chem_comp.name
_chem_comp.formula
0N8 non-polymer '(2Z)-4-[1-benzyl-4-(4-chlorobenzyl)piperidin-4-yl]-2-hydroxy-4-oxobut-2-enoic acid' 'C23 H24 Cl N O4'
MN non-polymer 'MANGANESE (II) ION' 'Mn 2'
#
# COMPACT_ATOMS: atom_id res chain seq x y z
N LYS A 6 -54.44 -40.83 -18.72
CA LYS A 6 -55.68 -41.38 -18.20
C LYS A 6 -56.31 -40.41 -17.19
N LYS A 7 -55.57 -40.10 -16.13
CA LYS A 7 -56.13 -39.32 -15.03
C LYS A 7 -56.50 -37.92 -15.49
N PRO A 8 -57.68 -37.40 -15.07
CA PRO A 8 -58.02 -36.01 -15.36
C PRO A 8 -57.22 -35.08 -14.42
N ILE A 9 -57.10 -33.80 -14.77
CA ILE A 9 -56.24 -32.87 -13.97
C ILE A 9 -56.83 -32.76 -12.55
N ALA A 10 -58.13 -32.58 -12.46
CA ALA A 10 -58.73 -32.41 -11.13
C ALA A 10 -58.30 -33.61 -10.29
N LEU A 11 -58.30 -34.80 -10.90
CA LEU A 11 -57.96 -35.93 -10.06
C LEU A 11 -56.49 -35.88 -9.66
N ILE A 12 -55.64 -35.33 -10.53
CA ILE A 12 -54.24 -35.15 -10.20
C ILE A 12 -54.08 -34.25 -8.97
N CYS A 13 -54.83 -33.14 -8.93
CA CYS A 13 -54.77 -32.26 -7.77
C CYS A 13 -55.30 -32.94 -6.52
N ALA A 14 -56.35 -33.76 -6.67
CA ALA A 14 -56.90 -34.48 -5.53
C ALA A 14 -55.84 -35.36 -4.87
N GLU A 15 -55.09 -36.12 -5.66
CA GLU A 15 -54.07 -37.06 -5.13
C GLU A 15 -52.96 -36.33 -4.37
N LEU A 16 -52.68 -35.08 -4.74
CA LEU A 16 -51.55 -34.32 -4.14
C LEU A 16 -52.10 -33.33 -3.12
N TYR A 17 -53.29 -33.61 -2.60
CA TYR A 17 -53.91 -32.74 -1.57
C TYR A 17 -52.91 -32.54 -0.43
N LYS A 18 -52.48 -33.64 0.18
CA LYS A 18 -51.55 -33.46 1.31
C LYS A 18 -50.30 -32.69 0.95
N PRO A 19 -49.50 -33.09 -0.06
CA PRO A 19 -48.27 -32.32 -0.34
C PRO A 19 -48.55 -30.84 -0.54
N PHE A 20 -49.64 -30.51 -1.23
CA PHE A 20 -49.91 -29.10 -1.46
C PHE A 20 -50.43 -28.42 -0.21
N GLN A 21 -51.11 -29.15 0.67
CA GLN A 21 -51.51 -28.53 1.92
C GLN A 21 -50.29 -28.25 2.79
N ASP A 22 -49.29 -29.15 2.74
CA ASP A 22 -48.05 -28.90 3.46
C ASP A 22 -47.29 -27.73 2.85
N LEU A 23 -47.27 -27.64 1.52
CA LEU A 23 -46.62 -26.50 0.88
C LEU A 23 -47.27 -25.19 1.30
N PHE A 24 -48.60 -25.11 1.17
CA PHE A 24 -49.28 -23.85 1.49
C PHE A 24 -49.07 -23.45 2.95
N ALA A 25 -49.03 -24.42 3.86
CA ALA A 25 -48.91 -24.13 5.28
C ALA A 25 -47.58 -23.49 5.62
N ALA A 26 -46.53 -23.80 4.86
CA ALA A 26 -45.19 -23.35 5.21
C ALA A 26 -44.78 -22.06 4.51
N LEU A 27 -45.46 -21.68 3.43
CA LEU A 27 -45.12 -20.46 2.72
C LEU A 27 -45.56 -19.23 3.53
N PRO A 28 -44.88 -18.08 3.34
CA PRO A 28 -45.36 -16.82 3.92
C PRO A 28 -46.77 -16.51 3.44
N LYS A 29 -47.49 -15.67 4.19
CA LYS A 29 -48.94 -15.60 4.03
C LYS A 29 -49.34 -15.14 2.63
N ASP A 30 -48.78 -14.04 2.14
CA ASP A 30 -49.15 -13.58 0.80
C ASP A 30 -48.74 -14.59 -0.27
N CYS A 31 -47.55 -15.18 -0.13
CA CYS A 31 -47.10 -16.19 -1.06
C CYS A 31 -48.03 -17.41 -1.08
N SER A 32 -48.48 -17.85 0.09
CA SER A 32 -49.36 -19.02 0.16
C SER A 32 -50.67 -18.76 -0.55
N GLU A 33 -51.29 -17.61 -0.29
CA GLU A 33 -52.57 -17.28 -0.90
C GLU A 33 -52.50 -17.32 -2.42
N GLU A 34 -51.44 -16.74 -2.98
CA GLU A 34 -51.33 -16.69 -4.43
C GLU A 34 -51.14 -18.08 -5.01
N CYS A 35 -50.38 -18.94 -4.31
CA CYS A 35 -50.23 -20.32 -4.74
C CYS A 35 -51.54 -21.09 -4.65
N GLN A 36 -52.34 -20.83 -3.60
CA GLN A 36 -53.63 -21.51 -3.45
C GLN A 36 -54.58 -21.15 -4.59
N THR A 37 -54.65 -19.86 -4.95
CA THR A 37 -55.44 -19.43 -6.10
C THR A 37 -54.98 -20.13 -7.37
N LEU A 38 -53.67 -20.17 -7.61
CA LEU A 38 -53.15 -20.83 -8.79
C LEU A 38 -53.49 -22.31 -8.79
N PHE A 39 -53.45 -22.96 -7.61
CA PHE A 39 -53.75 -24.39 -7.54
C PHE A 39 -55.20 -24.67 -7.93
N GLU A 40 -56.11 -23.77 -7.56
CA GLU A 40 -57.50 -23.92 -8.00
C GLU A 40 -57.66 -23.61 -9.49
N ASP A 41 -56.82 -22.73 -10.04
CA ASP A 41 -56.79 -22.57 -11.50
C ASP A 41 -56.37 -23.86 -12.18
N ILE A 42 -55.41 -24.59 -11.59
CA ILE A 42 -55.00 -25.88 -12.14
C ILE A 42 -56.14 -26.89 -12.02
N ARG A 43 -56.71 -27.00 -10.81
CA ARG A 43 -57.82 -27.92 -10.57
C ARG A 43 -58.93 -27.73 -11.59
N ASN A 44 -59.27 -26.49 -11.89
CA ASN A 44 -60.37 -26.15 -12.79
C ASN A 44 -59.91 -25.93 -14.22
N SER A 45 -58.65 -26.21 -14.52
CA SER A 45 -58.14 -25.99 -15.87
C SER A 45 -58.88 -26.85 -16.88
N GLU A 46 -59.09 -26.30 -18.08
CA GLU A 46 -59.73 -27.04 -19.17
C GLU A 46 -58.74 -27.51 -20.22
N SER A 47 -57.60 -26.83 -20.35
CA SER A 47 -56.60 -27.15 -21.35
C SER A 47 -55.28 -27.48 -20.65
N HIS A 48 -54.54 -28.43 -21.23
CA HIS A 48 -53.24 -28.80 -20.68
C HIS A 48 -52.27 -27.63 -20.66
N ALA A 49 -52.35 -26.75 -21.67
CA ALA A 49 -51.49 -25.58 -21.68
C ALA A 49 -51.83 -24.63 -20.52
N SER A 50 -53.11 -24.57 -20.13
CA SER A 50 -53.49 -23.68 -19.03
C SER A 50 -52.94 -24.19 -17.70
N ALA A 51 -53.01 -25.51 -17.48
CA ALA A 51 -52.52 -26.07 -16.23
C ALA A 51 -51.02 -25.89 -16.10
N TRP A 52 -50.27 -26.24 -17.15
CA TRP A 52 -48.81 -26.14 -17.12
C TRP A 52 -48.36 -24.72 -16.81
N SER A 53 -48.96 -23.73 -17.47
CA SER A 53 -48.63 -22.34 -17.21
C SER A 53 -48.87 -21.97 -15.75
N SER A 54 -49.96 -22.47 -15.17
CA SER A 54 -50.24 -22.18 -13.77
C SER A 54 -49.24 -22.87 -12.88
N ALA A 55 -48.93 -24.13 -13.15
CA ALA A 55 -47.90 -24.84 -12.40
C ALA A 55 -46.58 -24.09 -12.45
N LEU A 56 -46.24 -23.55 -13.62
CA LEU A 56 -45.01 -22.78 -13.76
C LEU A 56 -45.00 -21.57 -12.84
N ARG A 57 -46.15 -20.88 -12.75
CA ARG A 57 -46.26 -19.76 -11.82
C ARG A 57 -46.07 -20.20 -10.37
N ILE A 58 -46.70 -21.33 -9.99
CA ILE A 58 -46.53 -21.82 -8.62
C ILE A 58 -45.07 -22.11 -8.32
N LYS A 59 -44.38 -22.74 -9.27
CA LYS A 59 -42.96 -23.09 -9.07
C LYS A 59 -42.14 -21.85 -8.71
N GLY A 60 -42.27 -20.79 -9.50
CA GLY A 60 -41.47 -19.60 -9.27
C GLY A 60 -41.90 -18.84 -8.03
N VAL A 61 -43.20 -18.76 -7.79
CA VAL A 61 -43.72 -17.99 -6.67
C VAL A 61 -43.40 -18.68 -5.35
N ALA A 62 -43.65 -19.99 -5.29
CA ALA A 62 -43.33 -20.74 -4.08
C ALA A 62 -41.84 -20.70 -3.78
N TYR A 63 -40.99 -20.89 -4.81
CA TYR A 63 -39.56 -20.87 -4.57
C TYR A 63 -39.12 -19.55 -3.93
N GLU A 64 -39.67 -18.44 -4.43
CA GLU A 64 -39.31 -17.14 -3.88
C GLU A 64 -39.77 -17.02 -2.43
N GLY A 65 -40.93 -17.60 -2.11
CA GLY A 65 -41.38 -17.60 -0.73
C GLY A 65 -40.41 -18.31 0.19
N PHE A 66 -39.86 -19.45 -0.27
CA PHE A 66 -38.89 -20.18 0.55
C PHE A 66 -37.53 -19.52 0.54
N PHE A 67 -37.17 -18.79 -0.53
CA PHE A 67 -35.94 -18.03 -0.50
C PHE A 67 -36.02 -16.94 0.57
N SER A 68 -37.15 -16.23 0.60
CA SER A 68 -37.38 -15.21 1.63
C SER A 68 -37.26 -15.77 3.04
N LEU A 69 -37.96 -16.87 3.31
CA LEU A 69 -37.92 -17.49 4.64
C LEU A 69 -36.50 -17.88 5.02
N THR A 70 -35.77 -18.52 4.10
CA THR A 70 -34.40 -18.93 4.36
C THR A 70 -33.53 -17.75 4.77
N ASN A 71 -33.71 -16.62 4.12
CA ASN A 71 -32.85 -15.46 4.33
C ASN A 71 -33.45 -14.46 5.32
N SER A 72 -34.59 -14.76 5.92
CA SER A 72 -35.26 -13.82 6.83
C SER A 72 -35.51 -12.50 6.12
N TRP A 73 -35.84 -12.58 4.83
CA TRP A 73 -36.23 -11.42 4.03
C TRP A 73 -37.74 -11.45 3.86
N ARG A 74 -38.30 -10.30 3.50
CA ARG A 74 -39.73 -10.20 3.23
C ARG A 74 -40.02 -10.75 1.84
N TYR A 75 -41.03 -11.60 1.74
CA TYR A 75 -41.54 -11.96 0.42
C TYR A 75 -42.37 -10.81 -0.13
N ILE A 76 -42.07 -10.39 -1.34
CA ILE A 76 -42.77 -9.28 -2.00
C ILE A 76 -43.51 -9.82 -3.23
N PRO A 77 -44.84 -9.75 -3.28
CA PRO A 77 -45.55 -10.10 -4.53
C PRO A 77 -45.07 -9.24 -5.68
N GLU A 78 -45.09 -9.82 -6.89
CA GLU A 78 -44.54 -9.13 -8.05
C GLU A 78 -45.16 -7.75 -8.23
N ASP A 79 -46.46 -7.63 -7.95
CA ASP A 79 -47.17 -6.37 -8.14
C ASP A 79 -46.69 -5.29 -7.17
N LEU A 80 -46.10 -5.67 -6.04
CA LEU A 80 -45.59 -4.72 -5.06
C LEU A 80 -44.07 -4.59 -5.10
N LYS A 81 -43.41 -5.27 -6.03
CA LYS A 81 -41.95 -5.19 -6.09
C LYS A 81 -41.51 -3.83 -6.62
N PRO A 82 -40.58 -3.15 -5.96
CA PRO A 82 -40.09 -1.87 -6.48
C PRO A 82 -39.21 -2.05 -7.71
N THR A 83 -39.24 -1.03 -8.58
CA THR A 83 -38.33 -0.90 -9.71
C THR A 83 -37.05 -0.17 -9.31
N LEU A 84 -36.05 -0.27 -10.18
CA LEU A 84 -34.81 0.45 -9.98
C LEU A 84 -35.05 1.96 -9.86
N GLY A 85 -35.87 2.52 -10.76
CA GLY A 85 -36.16 3.94 -10.69
C GLY A 85 -36.77 4.34 -9.36
N MET A 86 -37.65 3.51 -8.81
CA MET A 86 -38.24 3.79 -7.50
C MET A 86 -37.18 3.79 -6.42
N ALA A 87 -36.16 2.95 -6.59
CA ALA A 87 -35.12 2.84 -5.56
C ALA A 87 -34.22 4.07 -5.57
N ILE A 88 -33.82 4.51 -6.76
CA ILE A 88 -33.03 5.73 -6.85
C ILE A 88 -33.83 6.92 -6.33
N GLN A 89 -35.12 7.00 -6.67
CA GLN A 89 -35.95 8.11 -6.23
C GLN A 89 -35.97 8.24 -4.71
N THR A 90 -36.20 7.14 -4.01
CA THR A 90 -36.43 7.20 -2.58
C THR A 90 -35.17 7.06 -1.74
N VAL A 91 -34.12 6.42 -2.25
CA VAL A 91 -32.88 6.22 -1.50
C VAL A 91 -31.81 7.23 -1.87
N PHE A 92 -31.73 7.63 -3.14
CA PHE A 92 -30.74 8.61 -3.59
C PHE A 92 -31.43 9.78 -4.29
N PRO A 93 -32.31 10.49 -3.58
CA PRO A 93 -33.09 11.54 -4.26
C PRO A 93 -32.23 12.62 -4.89
N ASP A 94 -31.09 12.95 -4.29
CA ASP A 94 -30.26 14.01 -4.83
C ASP A 94 -29.59 13.63 -6.15
N LYS A 95 -29.62 12.36 -6.53
CA LYS A 95 -29.07 11.93 -7.81
C LYS A 95 -30.15 11.47 -8.79
N PHE A 96 -31.42 11.56 -8.42
CA PHE A 96 -32.47 10.98 -9.27
C PHE A 96 -32.57 11.70 -10.60
N GLU A 97 -32.42 13.03 -10.58
CA GLU A 97 -32.52 13.79 -11.82
C GLU A 97 -31.42 13.39 -12.80
N LYS A 98 -30.19 13.22 -12.31
CA LYS A 98 -29.11 12.84 -13.21
C LYS A 98 -29.22 11.35 -13.60
N PHE A 99 -29.85 10.54 -12.74
CA PHE A 99 -30.21 9.17 -13.12
C PHE A 99 -31.16 9.16 -14.32
N LEU A 100 -32.15 10.05 -14.32
CA LEU A 100 -33.07 10.15 -15.45
C LEU A 100 -32.33 10.52 -16.74
N GLU A 101 -31.49 11.55 -16.69
CA GLU A 101 -30.77 12.00 -17.88
C GLU A 101 -29.92 10.89 -18.50
N ARG A 102 -29.22 10.13 -17.67
CA ARG A 102 -28.32 9.10 -18.18
C ARG A 102 -29.05 7.83 -18.60
N THR A 103 -30.36 7.81 -18.39
CA THR A 103 -31.21 6.66 -18.77
C THR A 103 -32.09 7.02 -19.98
N HIS A 104 -31.78 8.11 -20.67
CA HIS A 104 -32.64 8.57 -21.80
C HIS A 104 -32.53 7.61 -22.97
N LEU A 105 -31.35 7.03 -23.18
CA LEU A 105 -31.12 6.09 -24.30
C LEU A 105 -31.44 4.66 -23.86
N HIS A 106 -31.66 4.45 -22.57
CA HIS A 106 -31.95 3.11 -22.07
C HIS A 106 -33.03 3.21 -21.00
N PRO A 107 -34.23 3.70 -21.35
CA PRO A 107 -35.20 4.03 -20.31
C PRO A 107 -35.85 2.82 -19.68
N GLU A 108 -35.71 1.64 -20.30
CA GLU A 108 -36.17 0.42 -19.66
C GLU A 108 -35.40 0.09 -18.39
N TYR A 109 -34.20 0.65 -18.22
CA TYR A 109 -33.47 0.47 -16.96
C TYR A 109 -34.32 0.92 -15.78
N ARG A 110 -35.04 2.03 -15.95
CA ARG A 110 -35.83 2.60 -14.86
C ARG A 110 -36.88 1.62 -14.34
N ASP A 111 -37.30 0.69 -15.19
CA ASP A 111 -38.37 -0.25 -14.84
C ASP A 111 -37.86 -1.64 -14.51
N PHE A 112 -36.55 -1.83 -14.40
CA PHE A 112 -36.02 -3.12 -13.99
C PHE A 112 -36.54 -3.47 -12.60
N THR A 113 -37.17 -4.64 -12.47
CA THR A 113 -37.75 -5.07 -11.21
C THR A 113 -37.11 -6.38 -10.77
N PRO A 114 -36.08 -6.31 -9.92
CA PRO A 114 -35.44 -7.54 -9.42
C PRO A 114 -36.34 -8.27 -8.43
N ASP A 115 -35.97 -9.51 -8.11
CA ASP A 115 -36.72 -10.26 -7.10
C ASP A 115 -36.64 -9.57 -5.75
N TYR A 116 -35.45 -9.10 -5.36
CA TYR A 116 -35.27 -8.40 -4.10
C TYR A 116 -34.47 -7.13 -4.36
N LEU A 117 -34.93 -6.02 -3.82
CA LEU A 117 -34.23 -4.76 -4.03
C LEU A 117 -34.12 -4.10 -2.65
N MET A 118 -32.97 -4.28 -2.01
CA MET A 118 -32.75 -3.78 -0.67
C MET A 118 -31.66 -2.71 -0.63
N CYS A 119 -31.63 -2.01 0.51
CA CYS A 119 -30.66 -0.97 0.80
C CYS A 119 -30.15 -1.19 2.22
N ARG A 120 -28.97 -0.67 2.50
CA ARG A 120 -28.47 -0.79 3.87
C ARG A 120 -29.25 0.16 4.76
N SER A 121 -29.50 -0.27 6.00
CA SER A 121 -30.33 0.47 6.94
C SER A 121 -29.96 1.94 7.05
N ALA A 177 -40.75 1.23 -1.61
CA ALA A 177 -40.96 -0.05 -0.93
C ALA A 177 -39.68 -0.88 -0.95
N VAL A 178 -38.53 -0.19 -0.95
CA VAL A 178 -37.21 -0.88 -0.94
C VAL A 178 -36.98 -1.43 0.46
N GLN A 179 -36.56 -2.70 0.55
CA GLN A 179 -36.41 -3.34 1.87
C GLN A 179 -35.07 -2.92 2.48
N GLU A 180 -34.97 -3.02 3.80
CA GLU A 180 -33.72 -2.64 4.49
C GLU A 180 -33.02 -3.90 5.03
N VAL A 181 -31.71 -3.97 4.87
CA VAL A 181 -30.94 -5.05 5.47
C VAL A 181 -29.82 -4.46 6.31
N SER A 182 -29.37 -5.25 7.29
CA SER A 182 -28.36 -4.80 8.24
C SER A 182 -26.98 -4.68 7.60
N SER A 183 -26.66 -5.56 6.66
CA SER A 183 -25.34 -5.55 6.05
C SER A 183 -25.44 -6.14 4.65
N VAL A 184 -25.07 -5.36 3.64
CA VAL A 184 -25.00 -5.89 2.28
C VAL A 184 -23.82 -6.86 2.15
N SER A 185 -22.66 -6.48 2.71
CA SER A 185 -21.47 -7.30 2.55
C SER A 185 -21.67 -8.71 3.11
N ALA A 186 -22.43 -8.86 4.20
CA ALA A 186 -22.68 -10.20 4.75
C ALA A 186 -23.42 -11.08 3.76
N VAL A 187 -24.42 -10.53 3.06
CA VAL A 187 -25.15 -11.31 2.06
C VAL A 187 -24.22 -11.71 0.92
N VAL A 188 -23.40 -10.77 0.45
CA VAL A 188 -22.48 -11.09 -0.65
C VAL A 188 -21.54 -12.21 -0.25
N ASP A 189 -20.97 -12.14 0.96
CA ASP A 189 -20.05 -13.19 1.43
C ASP A 189 -20.76 -14.53 1.59
N ARG A 190 -21.99 -14.54 2.12
CA ARG A 190 -22.81 -15.76 2.15
C ARG A 190 -22.89 -16.41 0.77
N PHE A 191 -23.22 -15.61 -0.25
CA PHE A 191 -23.34 -16.14 -1.61
C PHE A 191 -22.01 -16.65 -2.12
N LYS A 192 -20.94 -15.85 -1.95
CA LYS A 192 -19.62 -16.27 -2.43
C LYS A 192 -19.12 -17.49 -1.68
N SER A 193 -19.46 -17.61 -0.40
CA SER A 193 -19.06 -18.80 0.36
C SER A 193 -19.73 -20.06 -0.21
N LYS A 194 -21.05 -20.07 -0.34
CA LYS A 194 -21.72 -21.27 -0.85
C LYS A 194 -21.32 -21.58 -2.28
N SER A 195 -21.04 -20.55 -3.09
CA SER A 195 -20.51 -20.79 -4.42
C SER A 195 -19.16 -21.48 -4.36
N SER A 196 -18.30 -21.07 -3.44
CA SER A 196 -16.95 -21.62 -3.34
C SER A 196 -16.91 -22.96 -2.63
N GLU A 197 -17.87 -23.23 -1.74
CA GLU A 197 -17.93 -24.49 -0.98
C GLU A 197 -18.62 -25.59 -1.77
N LYS A 198 -19.76 -25.29 -2.40
CA LYS A 198 -20.60 -26.31 -3.03
C LYS A 198 -20.62 -26.21 -4.55
N GLY A 199 -19.77 -25.38 -5.16
CA GLY A 199 -19.78 -25.24 -6.60
C GLY A 199 -21.04 -24.67 -7.20
N ARG A 200 -21.83 -23.93 -6.44
CA ARG A 200 -23.11 -23.39 -6.94
C ARG A 200 -22.87 -22.16 -7.81
N PRO A 201 -23.32 -22.15 -9.07
CA PRO A 201 -23.08 -21.00 -9.96
C PRO A 201 -23.76 -19.73 -9.43
N ILE A 202 -22.96 -18.67 -9.28
CA ILE A 202 -23.50 -17.34 -9.05
C ILE A 202 -22.85 -16.38 -10.04
N ARG A 203 -23.41 -15.18 -10.12
CA ARG A 203 -22.71 -14.05 -10.70
C ARG A 203 -22.86 -12.89 -9.73
N GLN A 204 -21.84 -12.06 -9.65
CA GLN A 204 -21.84 -10.93 -8.69
C GLN A 204 -21.08 -9.74 -9.30
N GLU A 205 -21.60 -8.55 -9.08
CA GLU A 205 -20.96 -7.32 -9.60
C GLU A 205 -21.24 -6.17 -8.64
N GLU A 206 -20.25 -5.33 -8.42
CA GLU A 206 -20.40 -4.17 -7.54
C GLU A 206 -20.02 -2.93 -8.36
N SER A 207 -20.79 -1.86 -8.25
CA SER A 207 -20.43 -0.64 -8.93
C SER A 207 -19.15 -0.06 -8.32
N ARG A 208 -18.40 0.67 -9.14
CA ARG A 208 -17.17 1.25 -8.64
C ARG A 208 -16.74 2.44 -9.48
N PRO A 209 -16.93 3.66 -9.00
CA PRO A 209 -16.48 4.83 -9.77
C PRO A 209 -14.98 4.75 -9.99
N LYS A 210 -14.56 4.81 -11.25
CA LYS A 210 -13.15 4.79 -11.61
C LYS A 210 -12.44 3.66 -10.90
N THR A 211 -11.37 3.95 -10.15
CA THR A 211 -10.71 2.93 -9.35
C THR A 211 -10.79 3.26 -7.85
N GLU A 212 -11.94 3.80 -7.40
CA GLU A 212 -12.06 4.31 -6.05
C GLU A 212 -11.83 3.22 -5.01
N SER A 213 -11.25 3.63 -3.89
CA SER A 213 -11.04 2.71 -2.76
C SER A 213 -12.20 2.83 -1.77
N MET A 214 -12.46 1.76 -1.06
CA MET A 214 -13.41 1.86 0.07
C MET A 214 -12.79 2.84 1.08
N GLN A 215 -13.60 3.32 2.01
CA GLN A 215 -13.12 4.34 2.96
C GLN A 215 -13.64 4.00 4.36
N GLU A 216 -12.94 4.46 5.40
CA GLU A 216 -13.28 4.10 6.76
C GLU A 216 -13.86 5.26 7.57
N ASP A 217 -13.88 6.47 7.01
CA ASP A 217 -14.20 7.66 7.81
C ASP A 217 -15.58 8.22 7.53
N ILE A 218 -16.38 7.52 6.73
CA ILE A 218 -17.73 7.99 6.42
C ILE A 218 -18.49 6.81 5.80
N GLU A 219 -19.80 6.79 6.02
CA GLU A 219 -20.68 5.79 5.45
C GLU A 219 -21.46 6.38 4.29
N VAL A 220 -21.73 5.55 3.27
CA VAL A 220 -22.61 5.90 2.17
C VAL A 220 -23.76 4.90 2.12
N ASP A 221 -24.91 5.35 1.61
CA ASP A 221 -26.00 4.43 1.33
C ASP A 221 -25.65 3.53 0.15
N GLU A 222 -26.28 2.36 0.10
CA GLU A 222 -25.96 1.38 -0.94
C GLU A 222 -27.17 0.49 -1.19
N LEU A 223 -27.19 -0.09 -2.39
CA LEU A 223 -28.27 -1.00 -2.78
C LEU A 223 -27.74 -2.41 -2.96
N LEU A 224 -28.61 -3.38 -2.71
CA LEU A 224 -28.36 -4.77 -2.99
C LEU A 224 -29.51 -5.30 -3.84
N ILE A 225 -29.17 -5.87 -4.98
CA ILE A 225 -30.14 -6.27 -6.00
C ILE A 225 -29.96 -7.77 -6.22
N VAL A 226 -31.00 -8.56 -5.95
CA VAL A 226 -30.89 -10.01 -5.93
C VAL A 226 -31.91 -10.62 -6.88
N GLU A 227 -31.43 -11.52 -7.75
CA GLU A 227 -32.24 -12.31 -8.66
C GLU A 227 -32.11 -13.78 -8.29
N VAL A 228 -33.23 -14.45 -8.10
CA VAL A 228 -33.23 -15.86 -7.74
C VAL A 228 -34.10 -16.60 -8.76
N GLY A 229 -34.04 -17.93 -8.72
CA GLY A 229 -34.83 -18.69 -9.67
C GLY A 229 -34.72 -20.17 -9.44
N TYR A 230 -35.75 -20.88 -9.92
CA TYR A 230 -35.89 -22.32 -9.85
C TYR A 230 -36.14 -22.79 -11.29
N GLN A 231 -35.11 -23.35 -11.92
CA GLN A 231 -35.21 -23.68 -13.34
C GLN A 231 -34.01 -24.52 -13.76
N THR A 232 -34.19 -25.26 -14.85
CA THR A 232 -33.23 -26.29 -15.21
C THR A 232 -31.86 -25.71 -15.56
N ASP A 233 -31.84 -24.65 -16.37
CA ASP A 233 -30.59 -24.10 -16.89
C ASP A 233 -30.05 -23.08 -15.88
N ILE A 234 -29.30 -23.58 -14.89
CA ILE A 234 -28.80 -22.70 -13.82
C ILE A 234 -27.72 -21.77 -14.35
N GLU A 235 -26.75 -22.31 -15.09
CA GLU A 235 -25.69 -21.45 -15.62
C GLU A 235 -26.28 -20.36 -16.51
N GLY A 236 -27.22 -20.72 -17.39
CA GLY A 236 -27.80 -19.73 -18.28
C GLY A 236 -28.57 -18.67 -17.53
N LYS A 237 -29.24 -19.05 -16.45
CA LYS A 237 -29.98 -18.08 -15.64
C LYS A 237 -29.06 -16.98 -15.11
N VAL A 238 -27.91 -17.35 -14.53
CA VAL A 238 -27.09 -16.34 -13.88
C VAL A 238 -26.29 -15.53 -14.90
N ILE A 239 -25.87 -16.17 -15.98
CA ILE A 239 -25.18 -15.47 -17.05
C ILE A 239 -26.08 -14.40 -17.67
N SER A 240 -27.34 -14.74 -17.93
CA SER A 240 -28.23 -13.77 -18.55
C SER A 240 -28.64 -12.68 -17.57
N ASP A 241 -28.81 -13.02 -16.29
CA ASP A 241 -29.13 -12.02 -15.27
C ASP A 241 -28.03 -10.97 -15.16
N ILE A 242 -26.78 -11.40 -14.95
CA ILE A 242 -25.70 -10.43 -14.77
C ILE A 242 -25.49 -9.61 -16.04
N GLU A 243 -25.76 -10.22 -17.20
CA GLU A 243 -25.64 -9.49 -18.46
C GLU A 243 -26.68 -8.38 -18.55
N LYS A 244 -27.91 -8.68 -18.15
CA LYS A 244 -28.98 -7.68 -18.14
C LYS A 244 -28.63 -6.52 -17.21
N TRP A 245 -28.04 -6.80 -16.06
CA TRP A 245 -27.79 -5.75 -15.09
C TRP A 245 -26.46 -5.05 -15.29
N LYS A 246 -25.61 -5.53 -16.20
CA LYS A 246 -24.27 -4.95 -16.35
C LYS A 246 -24.36 -3.47 -16.66
N GLY A 247 -25.25 -3.09 -17.59
CA GLY A 247 -25.37 -1.70 -17.97
C GLY A 247 -25.81 -0.82 -16.81
N VAL A 248 -26.65 -1.36 -15.93
CA VAL A 248 -27.09 -0.61 -14.76
C VAL A 248 -25.92 -0.37 -13.81
N VAL A 249 -25.11 -1.39 -13.57
CA VAL A 249 -23.93 -1.27 -12.67
C VAL A 249 -22.97 -0.19 -13.20
N ASN A 250 -22.66 -0.24 -14.49
CA ASN A 250 -21.80 0.78 -15.11
C ASN A 250 -22.43 2.16 -14.91
N LEU A 251 -23.74 2.25 -15.11
CA LEU A 251 -24.44 3.52 -14.87
C LEU A 251 -24.30 3.97 -13.43
N MET A 252 -24.47 3.05 -12.48
CA MET A 252 -24.35 3.38 -11.07
C MET A 252 -22.95 3.89 -10.74
N SER A 253 -21.92 3.25 -11.33
CA SER A 253 -20.55 3.72 -11.15
C SER A 253 -20.40 5.17 -11.58
N HIS A 254 -20.99 5.54 -12.71
CA HIS A 254 -20.92 6.92 -13.18
C HIS A 254 -21.73 7.89 -12.33
N LEU A 255 -22.73 7.41 -11.60
CA LEU A 255 -23.50 8.27 -10.71
C LEU A 255 -22.89 8.36 -9.31
N GLY A 256 -21.82 7.62 -9.04
CA GLY A 256 -21.30 7.51 -7.69
C GLY A 256 -22.19 6.78 -6.70
N ILE A 257 -22.99 5.82 -7.18
CA ILE A 257 -23.95 5.10 -6.35
C ILE A 257 -23.43 3.68 -6.14
N LYS A 258 -23.34 3.24 -4.89
CA LYS A 258 -22.81 1.92 -4.58
C LYS A 258 -23.94 0.90 -4.65
N VAL A 259 -23.79 -0.08 -5.55
CA VAL A 259 -24.74 -1.18 -5.65
C VAL A 259 -24.00 -2.50 -5.80
N ASN A 260 -24.60 -3.57 -5.28
CA ASN A 260 -24.19 -4.93 -5.56
C ASN A 260 -25.35 -5.67 -6.23
N VAL A 261 -25.04 -6.47 -7.25
CA VAL A 261 -26.03 -7.32 -7.92
C VAL A 261 -25.62 -8.77 -7.70
N LEU A 262 -26.60 -9.60 -7.34
CA LEU A 262 -26.40 -11.03 -7.07
C LEU A 262 -27.44 -11.81 -7.86
N THR A 263 -27.01 -12.90 -8.50
CA THR A 263 -27.93 -13.82 -9.15
C THR A 263 -27.50 -15.25 -8.84
N CYS A 264 -28.49 -16.13 -8.65
CA CYS A 264 -28.27 -17.55 -8.34
C CYS A 264 -29.50 -18.32 -8.79
N ALA A 265 -29.37 -19.65 -8.87
CA ALA A 265 -30.51 -20.47 -9.28
C ALA A 265 -30.37 -21.91 -8.77
N ASP A 266 -31.51 -22.57 -8.60
CA ASP A 266 -31.59 -23.98 -8.24
C ASP A 266 -32.37 -24.75 -9.29
N ASN A 267 -32.14 -26.05 -9.36
CA ASN A 267 -33.00 -26.93 -10.15
C ASN A 267 -33.24 -28.19 -9.34
N SER A 268 -34.11 -29.06 -9.86
CA SER A 268 -34.56 -30.20 -9.06
C SER A 268 -33.51 -31.30 -8.95
N GLN A 269 -32.36 -31.17 -9.63
CA GLN A 269 -31.26 -32.11 -9.53
C GLN A 269 -30.17 -31.66 -8.57
N THR A 270 -30.27 -30.42 -8.10
CA THR A 270 -29.31 -29.93 -7.09
C THR A 270 -29.44 -30.81 -5.85
N PRO A 271 -28.32 -31.31 -5.29
CA PRO A 271 -28.38 -32.05 -4.04
C PRO A 271 -29.21 -31.27 -3.02
N ARG A 272 -30.07 -31.96 -2.28
CA ARG A 272 -31.02 -31.31 -1.34
C ARG A 272 -30.36 -30.47 -0.25
N THR A 273 -29.14 -30.82 0.14
CA THR A 273 -28.46 -30.01 1.14
C THR A 273 -27.77 -28.79 0.54
N ASP A 274 -27.85 -28.61 -0.79
CA ASP A 274 -27.01 -27.64 -1.48
C ASP A 274 -27.81 -26.50 -2.12
N TRP A 275 -29.13 -26.40 -1.89
CA TRP A 275 -29.93 -25.37 -2.53
C TRP A 275 -29.71 -24.03 -1.83
N TRP A 276 -30.23 -22.96 -2.44
CA TRP A 276 -30.26 -21.65 -1.80
C TRP A 276 -31.41 -21.51 -0.81
N ILE A 277 -32.20 -22.56 -0.60
CA ILE A 277 -33.28 -22.57 0.37
C ILE A 277 -33.03 -23.73 1.33
N ASP A 278 -33.53 -23.58 2.55
CA ASP A 278 -33.44 -24.63 3.55
C ASP A 278 -33.92 -25.97 3.01
N GLU A 279 -33.23 -27.04 3.38
CA GLU A 279 -33.57 -28.42 2.89
C GLU A 279 -35.03 -28.79 3.17
N LYS A 280 -35.54 -28.39 4.34
CA LYS A 280 -36.96 -28.67 4.66
C LYS A 280 -37.84 -28.13 3.54
N TYR A 281 -37.50 -26.95 3.02
CA TYR A 281 -38.31 -26.32 1.95
C TYR A 281 -38.09 -27.06 0.64
N VAL A 282 -36.88 -27.59 0.43
CA VAL A 282 -36.64 -28.37 -0.78
C VAL A 282 -37.59 -29.55 -0.85
N ARG A 283 -37.78 -30.26 0.27
CA ARG A 283 -38.69 -31.41 0.28
C ARG A 283 -40.12 -30.99 -0.04
N LEU A 284 -40.57 -29.87 0.52
CA LEU A 284 -41.93 -29.41 0.26
C LEU A 284 -42.15 -29.15 -1.22
N LEU A 285 -41.17 -28.54 -1.90
CA LEU A 285 -41.31 -28.30 -3.34
C LEU A 285 -41.28 -29.60 -4.14
N LEU A 286 -40.33 -30.48 -3.82
CA LEU A 286 -40.20 -31.71 -4.58
C LEU A 286 -41.41 -32.62 -4.39
N ASN A 287 -41.96 -32.66 -3.18
CA ASN A 287 -43.12 -33.50 -2.89
C ASN A 287 -44.41 -32.98 -3.53
N SER A 288 -44.46 -31.70 -3.90
CA SER A 288 -45.71 -31.11 -4.38
C SER A 288 -45.59 -30.69 -5.85
N ILE A 289 -45.10 -29.48 -6.10
CA ILE A 289 -45.02 -28.91 -7.48
C ILE A 289 -44.25 -29.82 -8.43
N SER A 290 -43.14 -30.39 -7.96
CA SER A 290 -42.29 -31.18 -8.87
C SER A 290 -43.04 -32.44 -9.35
N TYR A 291 -43.72 -33.14 -8.45
CA TYR A 291 -44.54 -34.31 -8.84
C TYR A 291 -45.68 -33.83 -9.75
N LEU A 292 -46.31 -32.73 -9.39
CA LEU A 292 -47.40 -32.20 -10.21
C LEU A 292 -46.97 -32.08 -11.66
N PHE A 293 -45.74 -31.59 -11.89
CA PHE A 293 -45.22 -31.50 -13.25
C PHE A 293 -45.06 -32.88 -13.88
N LYS A 294 -44.49 -33.83 -13.12
CA LYS A 294 -44.40 -35.20 -13.60
C LYS A 294 -45.77 -35.74 -14.00
N GLU A 295 -46.76 -35.56 -13.12
CA GLU A 295 -48.05 -36.19 -13.35
C GLU A 295 -48.80 -35.52 -14.50
N LEU A 296 -48.55 -34.23 -14.73
CA LEU A 296 -49.19 -33.56 -15.84
C LEU A 296 -48.73 -34.14 -17.18
N LEU A 297 -47.47 -34.56 -17.26
CA LEU A 297 -46.95 -35.13 -18.51
C LEU A 297 -47.50 -36.53 -18.74
N GLU A 298 -47.26 -37.44 -17.79
CA GLU A 298 -47.71 -38.83 -17.89
C GLU A 298 -49.15 -38.92 -18.36
N ASN A 299 -50.06 -38.20 -17.68
CA ASN A 299 -51.48 -38.19 -18.04
C ASN A 299 -51.82 -37.06 -19.00
N GLU B 1 -0.99 4.95 24.20
CA GLU B 1 -0.12 5.37 23.13
C GLU B 1 -0.21 4.37 21.98
N VAL B 2 -0.50 4.85 20.78
CA VAL B 2 -0.59 3.94 19.64
C VAL B 2 0.82 3.56 19.23
N LYS B 3 1.05 2.26 19.05
CA LYS B 3 2.36 1.79 18.62
C LYS B 3 2.23 0.62 17.65
N LEU B 4 3.06 0.64 16.61
CA LEU B 4 3.16 -0.45 15.66
C LEU B 4 4.61 -0.90 15.62
N GLU B 5 4.85 -2.21 15.72
CA GLU B 5 6.19 -2.76 15.86
C GLU B 5 6.36 -3.92 14.90
N GLU B 6 7.16 -3.71 13.86
CA GLU B 6 7.40 -4.72 12.83
C GLU B 6 8.53 -5.65 13.23
N SER B 7 8.47 -6.89 12.72
CA SER B 7 9.52 -7.87 12.89
C SER B 7 9.53 -8.78 11.68
N GLY B 8 10.57 -9.57 11.55
CA GLY B 8 10.68 -10.56 10.51
C GLY B 8 11.61 -10.20 9.39
N GLY B 9 12.20 -9.00 9.39
CA GLY B 9 13.12 -8.62 8.35
C GLY B 9 14.42 -9.42 8.42
N GLY B 10 15.22 -9.25 7.39
CA GLY B 10 16.48 -9.94 7.30
C GLY B 10 16.85 -10.14 5.84
N LEU B 11 17.72 -11.12 5.63
CA LEU B 11 18.33 -11.39 4.34
C LEU B 11 17.68 -12.62 3.70
N VAL B 12 17.28 -12.49 2.42
CA VAL B 12 16.65 -13.55 1.63
C VAL B 12 17.34 -13.63 0.27
N ARG B 13 17.57 -14.85 -0.21
CA ARG B 13 18.06 -15.00 -1.57
C ARG B 13 16.96 -14.71 -2.59
N PRO B 14 17.33 -14.24 -3.78
CA PRO B 14 16.33 -13.99 -4.83
C PRO B 14 15.58 -15.26 -5.15
N GLY B 15 14.27 -15.11 -5.41
CA GLY B 15 13.38 -16.24 -5.54
C GLY B 15 12.78 -16.73 -4.24
N GLY B 16 13.27 -16.25 -3.10
CA GLY B 16 12.89 -16.78 -1.81
C GLY B 16 11.67 -16.11 -1.21
N SER B 17 11.42 -16.43 0.06
CA SER B 17 10.22 -16.04 0.77
C SER B 17 10.57 -15.52 2.16
N ARG B 18 9.69 -14.67 2.69
CA ARG B 18 9.85 -14.12 4.02
C ARG B 18 8.49 -13.64 4.50
N LYS B 19 8.22 -13.79 5.79
CA LYS B 19 6.97 -13.32 6.38
C LYS B 19 7.27 -12.26 7.43
N LEU B 20 6.64 -11.10 7.28
CA LEU B 20 6.78 -10.02 8.25
C LEU B 20 5.57 -9.99 9.15
N SER B 21 5.78 -9.49 10.37
CA SER B 21 4.72 -9.31 11.34
C SER B 21 4.72 -7.88 11.81
N CYS B 22 3.57 -7.44 12.32
CA CYS B 22 3.44 -6.10 12.88
C CYS B 22 2.51 -6.22 14.08
N ALA B 23 3.02 -5.90 15.26
CA ALA B 23 2.28 -5.99 16.52
C ALA B 23 1.73 -4.61 16.88
N ALA B 24 0.43 -4.54 17.08
CA ALA B 24 -0.24 -3.26 17.28
C ALA B 24 -0.74 -3.16 18.72
N SER B 25 -0.65 -1.96 19.28
CA SER B 25 -1.11 -1.74 20.63
C SER B 25 -1.60 -0.31 20.79
N GLY B 26 -2.39 -0.07 21.83
CA GLY B 26 -2.83 1.27 22.14
C GLY B 26 -4.14 1.68 21.49
N PHE B 27 -4.78 0.80 20.75
CA PHE B 27 -6.05 1.11 20.10
C PHE B 27 -6.74 -0.21 19.79
N THR B 28 -8.03 -0.14 19.49
CA THR B 28 -8.78 -1.38 19.19
C THR B 28 -8.47 -1.79 17.75
N PHE B 29 -7.39 -2.57 17.62
CA PHE B 29 -6.86 -3.03 16.33
C PHE B 29 -7.94 -3.57 15.38
N SER B 30 -8.84 -4.40 15.89
CA SER B 30 -9.79 -5.11 15.05
C SER B 30 -10.80 -4.20 14.36
N SER B 31 -10.90 -2.94 14.78
CA SER B 31 -11.86 -2.04 14.14
C SER B 31 -11.28 -1.29 12.95
N TYR B 32 -9.99 -1.45 12.62
CA TYR B 32 -9.37 -0.52 11.67
C TYR B 32 -8.62 -1.24 10.56
N GLY B 33 -8.63 -0.63 9.37
CA GLY B 33 -7.80 -1.13 8.29
C GLY B 33 -6.33 -0.94 8.59
N MET B 34 -5.51 -1.86 8.07
CA MET B 34 -4.06 -1.85 8.23
C MET B 34 -3.35 -1.96 6.88
N GLN B 35 -2.13 -1.42 6.83
CA GLN B 35 -1.41 -1.27 5.57
C GLN B 35 0.08 -1.59 5.74
N TRP B 36 0.71 -1.93 4.61
CA TRP B 36 2.16 -2.00 4.49
C TRP B 36 2.67 -0.99 3.46
N VAL B 37 3.80 -0.38 3.76
CA VAL B 37 4.46 0.63 2.94
C VAL B 37 5.94 0.30 2.94
N ARG B 38 6.63 0.50 1.82
CA ARG B 38 8.05 0.19 1.81
C ARG B 38 8.86 1.36 1.24
N GLN B 39 10.17 1.32 1.48
CA GLN B 39 11.06 2.37 1.02
C GLN B 39 12.41 1.74 0.68
N ALA B 40 12.72 1.62 -0.61
CA ALA B 40 14.04 1.19 -1.04
C ALA B 40 15.08 2.22 -0.61
N PRO B 41 16.33 1.80 -0.31
CA PRO B 41 17.36 2.72 0.16
C PRO B 41 17.57 3.98 -0.72
N GLU B 42 17.51 5.16 -0.12
CA GLU B 42 17.76 6.46 -0.81
C GLU B 42 16.61 6.82 -1.75
N LYS B 43 15.49 6.12 -1.65
CA LYS B 43 14.37 6.37 -2.58
C LYS B 43 13.09 6.78 -1.84
N GLY B 44 12.03 7.00 -2.60
CA GLY B 44 10.78 7.45 -2.03
C GLY B 44 9.94 6.31 -1.48
N LEU B 45 8.75 6.69 -1.02
CA LEU B 45 7.83 5.74 -0.40
C LEU B 45 6.97 5.05 -1.45
N GLU B 46 6.64 3.79 -1.20
CA GLU B 46 5.84 3.01 -2.14
C GLU B 46 4.84 2.17 -1.36
N TRP B 47 3.55 2.43 -1.55
CA TRP B 47 2.52 1.65 -0.88
C TRP B 47 2.55 0.19 -1.35
N VAL B 48 2.29 -0.73 -0.43
CA VAL B 48 2.40 -2.16 -0.70
C VAL B 48 1.03 -2.86 -0.69
N ALA B 49 0.26 -2.71 0.40
CA ALA B 49 -0.99 -3.46 0.51
C ALA B 49 -1.86 -2.88 1.61
N TYR B 50 -3.17 -3.15 1.50
CA TYR B 50 -4.19 -2.72 2.46
C TYR B 50 -5.10 -3.90 2.79
N ILE B 51 -5.53 -4.00 4.05
CA ILE B 51 -6.47 -5.04 4.47
C ILE B 51 -7.52 -4.39 5.36
N SER B 52 -8.79 -4.60 5.04
CA SER B 52 -9.84 -3.98 5.85
C SER B 52 -9.91 -4.62 7.23
N SER B 53 -10.66 -3.97 8.12
CA SER B 53 -10.73 -4.41 9.52
C SER B 53 -11.12 -5.88 9.63
N GLY B 54 -12.13 -6.31 8.87
CA GLY B 54 -12.59 -7.69 8.90
C GLY B 54 -12.08 -8.55 7.76
N SER B 55 -11.00 -8.13 7.08
CA SER B 55 -10.28 -8.89 6.05
C SER B 55 -11.09 -9.07 4.77
N ARG B 56 -12.25 -8.43 4.67
CA ARG B 56 -13.11 -8.58 3.51
C ARG B 56 -12.52 -7.91 2.27
N THR B 57 -11.85 -6.78 2.44
CA THR B 57 -11.38 -6.00 1.31
C THR B 57 -9.86 -5.94 1.37
N ILE B 58 -9.20 -6.44 0.33
CA ILE B 58 -7.75 -6.45 0.26
C ILE B 58 -7.30 -5.78 -1.05
N TYR B 59 -6.31 -4.89 -0.97
CA TYR B 59 -5.74 -4.24 -2.15
C TYR B 59 -4.23 -4.45 -2.18
N TYR B 60 -3.66 -4.58 -3.39
CA TYR B 60 -2.22 -4.76 -3.58
C TYR B 60 -1.69 -3.79 -4.63
N ALA B 61 -0.47 -3.30 -4.41
CA ALA B 61 0.30 -2.65 -5.45
C ALA B 61 0.52 -3.63 -6.61
N ASP B 62 0.49 -3.11 -7.83
CA ASP B 62 0.62 -4.01 -8.99
C ASP B 62 1.96 -4.75 -8.99
N THR B 63 3.03 -4.12 -8.51
CA THR B 63 4.35 -4.75 -8.47
C THR B 63 4.44 -5.93 -7.49
N VAL B 64 3.51 -6.10 -6.56
CA VAL B 64 3.54 -7.27 -5.68
C VAL B 64 2.42 -8.26 -5.94
N LYS B 65 1.54 -8.00 -6.91
CA LYS B 65 0.40 -8.89 -7.14
C LYS B 65 0.86 -10.29 -7.50
N GLY B 66 0.13 -11.29 -7.00
CA GLY B 66 0.47 -12.68 -7.22
C GLY B 66 1.70 -13.18 -6.50
N ARG B 67 2.36 -12.34 -5.69
CA ARG B 67 3.56 -12.71 -4.94
C ARG B 67 3.44 -12.48 -3.45
N PHE B 68 2.78 -11.41 -3.02
CA PHE B 68 2.64 -11.05 -1.61
C PHE B 68 1.21 -11.31 -1.15
N THR B 69 1.05 -11.68 0.12
CA THR B 69 -0.28 -11.88 0.72
C THR B 69 -0.34 -11.10 2.03
N ILE B 70 -1.32 -10.24 2.17
CA ILE B 70 -1.55 -9.54 3.43
C ILE B 70 -2.65 -10.24 4.18
N SER B 71 -2.47 -10.38 5.50
CA SER B 71 -3.48 -10.99 6.34
C SER B 71 -3.33 -10.45 7.75
N ARG B 72 -4.29 -10.77 8.61
CA ARG B 72 -4.23 -10.32 9.99
C ARG B 72 -4.84 -11.37 10.92
N ASP B 73 -4.56 -11.20 12.21
CA ASP B 73 -5.13 -12.00 13.30
C ASP B 73 -5.64 -11.04 14.35
N ASN B 74 -6.95 -10.76 14.31
CA ASN B 74 -7.48 -9.70 15.18
C ASN B 74 -7.39 -10.07 16.65
N PRO B 75 -7.76 -11.28 17.09
CA PRO B 75 -7.55 -11.64 18.50
C PRO B 75 -6.11 -11.44 18.98
N LYS B 76 -5.12 -11.51 18.09
CA LYS B 76 -3.72 -11.42 18.47
C LYS B 76 -3.11 -10.04 18.17
N ASN B 77 -3.92 -9.10 17.69
CA ASN B 77 -3.50 -7.73 17.37
C ASN B 77 -2.27 -7.72 16.47
N THR B 78 -2.26 -8.59 15.46
CA THR B 78 -1.10 -8.75 14.59
C THR B 78 -1.52 -8.64 13.12
N LEU B 79 -0.68 -7.95 12.35
CA LEU B 79 -0.80 -7.82 10.90
C LEU B 79 0.36 -8.61 10.26
N PHE B 80 0.13 -9.24 9.10
CA PHE B 80 1.16 -10.04 8.44
C PHE B 80 1.36 -9.61 6.99
N LEU B 81 2.57 -9.85 6.48
CA LEU B 81 2.83 -9.76 5.04
C LEU B 81 3.65 -10.99 4.66
N GLN B 82 3.06 -11.92 3.90
CA GLN B 82 3.79 -13.06 3.38
C GLN B 82 4.37 -12.65 2.04
N MET B 83 5.69 -12.66 1.91
CA MET B 83 6.37 -12.33 0.66
C MET B 83 6.93 -13.59 0.02
N THR B 84 6.70 -13.74 -1.28
CA THR B 84 7.24 -14.88 -2.03
C THR B 84 7.82 -14.38 -3.34
N SER B 85 8.63 -15.25 -3.97
CA SER B 85 9.24 -14.96 -5.26
C SER B 85 9.97 -13.61 -5.23
N LEU B 86 10.71 -13.40 -4.15
CA LEU B 86 11.33 -12.09 -3.94
C LEU B 86 12.38 -11.79 -5.00
N ARG B 87 12.51 -10.51 -5.34
CA ARG B 87 13.48 -10.01 -6.31
C ARG B 87 14.34 -8.93 -5.66
N SER B 88 15.50 -8.66 -6.27
CA SER B 88 16.41 -7.66 -5.73
C SER B 88 15.72 -6.32 -5.55
N GLU B 89 14.78 -6.00 -6.43
CA GLU B 89 14.02 -4.76 -6.34
C GLU B 89 13.10 -4.69 -5.14
N ASP B 90 12.84 -5.81 -4.46
CA ASP B 90 12.04 -5.78 -3.25
C ASP B 90 12.83 -5.38 -2.01
N THR B 91 14.14 -5.19 -2.14
CA THR B 91 14.97 -4.74 -1.02
C THR B 91 14.47 -3.38 -0.53
N ALA B 92 14.15 -3.29 0.76
CA ALA B 92 13.55 -2.06 1.27
C ALA B 92 13.34 -2.16 2.77
N MET B 93 13.13 -0.99 3.40
CA MET B 93 12.55 -0.88 4.73
C MET B 93 11.05 -1.10 4.57
N TYR B 94 10.47 -2.01 5.36
CA TYR B 94 9.02 -2.26 5.30
C TYR B 94 8.38 -1.72 6.57
N TYR B 95 7.37 -0.85 6.40
CA TYR B 95 6.62 -0.29 7.51
C TYR B 95 5.19 -0.81 7.54
N CYS B 96 4.65 -1.05 8.72
CA CYS B 96 3.20 -1.13 8.82
C CYS B 96 2.67 0.22 9.29
N ALA B 97 1.42 0.48 8.92
CA ALA B 97 0.83 1.77 9.20
C ALA B 97 -0.68 1.61 9.28
N THR B 98 -1.33 2.57 9.93
CA THR B 98 -2.79 2.61 9.95
C THR B 98 -3.26 4.06 9.99
N GLY B 99 -4.51 4.26 9.55
CA GLY B 99 -5.13 5.56 9.70
C GLY B 99 -5.85 5.77 11.01
N TYR B 100 -6.09 4.69 11.77
CA TYR B 100 -6.89 4.75 12.98
C TYR B 100 -8.14 5.58 12.74
N GLY B 101 -8.89 5.19 11.69
CA GLY B 101 -10.08 5.93 11.30
C GLY B 101 -10.11 6.45 9.87
N GLY B 102 -9.19 6.00 9.03
CA GLY B 102 -9.18 6.42 7.63
C GLY B 102 -8.12 5.65 6.87
N THR B 103 -8.06 5.93 5.56
CA THR B 103 -7.14 5.26 4.66
C THR B 103 -5.80 5.98 4.55
N TRP B 104 -5.63 7.10 5.24
CA TRP B 104 -4.35 7.78 5.32
C TRP B 104 -3.43 7.03 6.28
N PHE B 105 -2.14 7.39 6.28
CA PHE B 105 -1.13 6.74 7.13
C PHE B 105 -0.85 7.62 8.34
N ALA B 106 -1.68 7.47 9.38
CA ALA B 106 -1.53 8.32 10.56
C ALA B 106 -0.47 7.82 11.54
N TYR B 107 -0.31 6.49 11.63
CA TYR B 107 0.62 5.86 12.56
C TYR B 107 1.50 4.91 11.77
N TRP B 108 2.80 4.92 12.06
CA TRP B 108 3.82 4.17 11.32
C TRP B 108 4.67 3.40 12.32
N GLY B 109 5.12 2.22 11.93
CA GLY B 109 6.11 1.51 12.71
C GLY B 109 7.51 2.09 12.49
N GLN B 110 8.47 1.52 13.20
CA GLN B 110 9.88 1.87 13.01
C GLN B 110 10.46 1.20 11.78
N GLY B 111 9.82 0.16 11.26
CA GLY B 111 10.25 -0.45 10.03
C GLY B 111 11.16 -1.65 10.26
N THR B 112 11.18 -2.55 9.29
CA THR B 112 12.10 -3.69 9.35
C THR B 112 12.69 -3.88 7.96
N LEU B 113 14.00 -4.10 7.92
CA LEU B 113 14.78 -4.06 6.69
C LEU B 113 14.81 -5.45 6.06
N VAL B 114 14.41 -5.53 4.79
CA VAL B 114 14.47 -6.78 4.04
C VAL B 114 15.49 -6.56 2.94
N THR B 115 16.53 -7.37 2.90
CA THR B 115 17.51 -7.33 1.83
C THR B 115 17.39 -8.60 0.98
N VAL B 116 17.18 -8.44 -0.32
CA VAL B 116 17.06 -9.57 -1.23
C VAL B 116 18.33 -9.61 -2.07
N SER B 117 19.16 -10.63 -1.85
CA SER B 117 20.45 -10.70 -2.51
C SER B 117 21.03 -12.09 -2.30
N ALA B 118 21.88 -12.50 -3.22
CA ALA B 118 22.62 -13.74 -3.08
C ALA B 118 24.02 -13.54 -2.53
N ALA B 119 24.40 -12.31 -2.23
CA ALA B 119 25.70 -12.09 -1.60
C ALA B 119 25.71 -12.79 -0.24
N SER B 120 26.87 -13.28 0.15
CA SER B 120 26.95 -13.93 1.44
C SER B 120 27.40 -12.95 2.52
N THR B 121 26.83 -13.13 3.70
CA THR B 121 27.10 -12.26 4.84
C THR B 121 28.60 -12.17 5.09
N LYS B 122 29.10 -10.95 5.28
CA LYS B 122 30.53 -10.74 5.43
C LYS B 122 30.79 -9.52 6.29
N GLY B 123 31.67 -9.64 7.29
CA GLY B 123 32.10 -8.52 8.09
C GLY B 123 33.06 -7.64 7.31
N PRO B 124 33.18 -6.38 7.71
CA PRO B 124 34.02 -5.44 6.97
C PRO B 124 35.49 -5.59 7.27
N SER B 125 36.31 -5.20 6.29
CA SER B 125 37.71 -4.90 6.54
C SER B 125 37.76 -3.42 6.93
N VAL B 126 38.55 -3.09 7.94
CA VAL B 126 38.57 -1.72 8.44
C VAL B 126 39.99 -1.19 8.34
N PHE B 127 40.16 -0.11 7.56
CA PHE B 127 41.47 0.46 7.33
C PHE B 127 41.54 1.89 7.83
N PRO B 128 42.63 2.30 8.47
CA PRO B 128 42.75 3.68 8.97
C PRO B 128 42.88 4.71 7.86
N LEU B 129 42.32 5.89 8.11
CA LEU B 129 42.54 7.07 7.29
C LEU B 129 43.40 8.00 8.16
N ALA B 130 44.71 7.88 8.04
CA ALA B 130 45.60 8.48 9.03
C ALA B 130 45.69 10.00 8.83
N PRO B 131 45.71 10.78 9.91
CA PRO B 131 45.94 12.23 9.77
C PRO B 131 47.36 12.53 9.30
N SER B 132 47.48 13.56 8.48
CA SER B 132 48.79 14.02 8.00
C SER B 132 48.68 15.50 7.69
N SER B 133 49.77 16.07 7.16
CA SER B 133 49.71 17.48 6.73
C SER B 133 48.75 17.66 5.55
N LYS B 134 48.49 16.59 4.79
CA LYS B 134 47.50 16.58 3.72
C LYS B 134 46.06 16.48 4.23
N SER B 135 45.84 16.34 5.54
CA SER B 135 44.50 16.33 6.13
C SER B 135 44.38 17.37 7.25
N THR B 136 45.26 18.36 7.28
CA THR B 136 45.30 19.39 8.31
C THR B 136 44.93 20.75 7.72
N SER B 137 44.25 21.55 8.54
CA SER B 137 43.87 22.90 8.15
C SER B 137 43.78 23.73 9.43
N GLY B 138 44.59 24.79 9.51
CA GLY B 138 44.62 25.57 10.74
C GLY B 138 45.04 24.68 11.91
N GLY B 139 44.30 24.80 13.02
CA GLY B 139 44.59 23.96 14.16
C GLY B 139 43.83 22.65 14.15
N THR B 140 43.34 22.23 12.98
CA THR B 140 42.42 21.11 12.84
C THR B 140 43.04 20.01 11.97
N ALA B 141 42.91 18.76 12.41
CA ALA B 141 43.31 17.61 11.61
C ALA B 141 42.12 16.68 11.43
N ALA B 142 41.99 16.10 10.24
CA ALA B 142 40.97 15.09 9.94
C ALA B 142 41.60 13.71 9.87
N LEU B 143 40.85 12.72 10.35
CA LEU B 143 41.25 11.31 10.30
C LEU B 143 39.97 10.49 10.16
N GLY B 144 40.13 9.20 9.95
CA GLY B 144 38.95 8.36 9.84
C GLY B 144 39.26 6.90 9.63
N CYS B 145 38.24 6.19 9.15
CA CYS B 145 38.28 4.74 8.94
C CYS B 145 37.53 4.42 7.67
N LEU B 146 38.14 3.63 6.80
CA LEU B 146 37.46 3.04 5.67
C LEU B 146 36.89 1.67 6.07
N VAL B 147 35.58 1.52 5.90
CA VAL B 147 34.83 0.32 6.28
C VAL B 147 34.46 -0.40 4.99
N LYS B 148 35.25 -1.38 4.58
CA LYS B 148 35.21 -1.91 3.22
C LYS B 148 34.55 -3.28 3.16
N ASP B 149 33.66 -3.46 2.18
CA ASP B 149 33.18 -4.76 1.69
C ASP B 149 32.50 -5.61 2.78
N TYR B 150 31.43 -5.06 3.35
CA TYR B 150 30.60 -5.81 4.29
C TYR B 150 29.24 -6.06 3.66
N PHE B 151 28.50 -7.00 4.25
CA PHE B 151 27.14 -7.34 3.79
C PHE B 151 26.45 -8.19 4.86
N PRO B 152 25.13 -8.13 5.04
CA PRO B 152 24.29 -7.05 4.53
C PRO B 152 24.45 -5.67 5.18
N GLU B 153 23.54 -4.76 4.88
CA GLU B 153 23.71 -3.35 5.26
C GLU B 153 23.99 -3.02 6.70
N PRO B 154 23.05 -3.15 7.62
CA PRO B 154 23.28 -2.52 8.92
C PRO B 154 24.73 -2.51 9.46
N VAL B 155 25.44 -1.38 9.41
CA VAL B 155 26.77 -1.22 10.10
C VAL B 155 26.73 0.05 10.98
N THR B 156 27.28 -0.01 12.19
CA THR B 156 27.35 1.17 13.06
C THR B 156 28.81 1.52 13.33
N VAL B 157 29.12 2.80 13.30
CA VAL B 157 30.46 3.30 13.59
C VAL B 157 30.37 4.28 14.73
N SER B 158 31.28 4.15 15.69
CA SER B 158 31.46 5.15 16.72
C SER B 158 32.94 5.41 16.85
N TRP B 159 33.29 6.46 17.59
CA TRP B 159 34.67 6.84 17.81
C TRP B 159 34.93 6.87 19.31
N ASN B 160 36.01 6.23 19.73
CA ASN B 160 36.36 6.12 21.14
C ASN B 160 35.15 5.67 21.97
N SER B 161 34.51 4.59 21.50
CA SER B 161 33.38 3.98 22.19
C SER B 161 32.24 4.96 22.42
N GLY B 162 32.02 5.87 21.49
CA GLY B 162 30.94 6.84 21.60
C GLY B 162 31.30 8.14 22.27
N ALA B 163 32.48 8.26 22.88
CA ALA B 163 32.83 9.48 23.61
C ALA B 163 33.12 10.64 22.66
N LEU B 164 33.64 10.35 21.46
CA LEU B 164 33.99 11.38 20.50
C LEU B 164 32.85 11.48 19.49
N THR B 165 32.09 12.57 19.56
CA THR B 165 30.99 12.76 18.62
C THR B 165 31.07 14.06 17.84
N SER B 166 31.69 15.09 18.40
CA SER B 166 31.78 16.36 17.69
C SER B 166 32.65 16.19 16.46
N GLY B 167 32.15 16.70 15.32
CA GLY B 167 32.92 16.64 14.09
C GLY B 167 32.92 15.31 13.36
N VAL B 168 32.19 14.31 13.84
CA VAL B 168 32.13 13.01 13.17
C VAL B 168 31.19 13.09 11.98
N HIS B 169 31.62 12.54 10.84
CA HIS B 169 30.75 12.32 9.69
C HIS B 169 30.91 10.88 9.25
N THR B 170 29.85 10.08 9.41
CA THR B 170 29.82 8.74 8.85
C THR B 170 28.99 8.76 7.58
N PHE B 171 29.58 8.39 6.49
CA PHE B 171 28.91 8.53 5.21
C PHE B 171 27.95 7.38 4.95
N PRO B 172 26.87 7.63 4.21
CA PRO B 172 26.02 6.55 3.75
C PRO B 172 26.81 5.52 2.94
N ALA B 173 26.47 4.25 3.13
CA ALA B 173 27.11 3.17 2.39
C ALA B 173 26.80 3.27 0.90
N VAL B 174 27.72 2.76 0.09
CA VAL B 174 27.50 2.59 -1.34
C VAL B 174 27.47 1.09 -1.63
N LEU B 175 26.44 0.65 -2.35
CA LEU B 175 26.39 -0.72 -2.84
C LEU B 175 27.36 -0.85 -4.01
N GLN B 176 28.33 -1.76 -3.89
CA GLN B 176 29.31 -1.99 -4.93
C GLN B 176 28.79 -2.97 -5.97
N SER B 177 29.40 -2.90 -7.16
CA SER B 177 29.05 -3.86 -8.22
C SER B 177 29.31 -5.30 -7.77
N SER B 178 30.26 -5.51 -6.85
CA SER B 178 30.47 -6.81 -6.24
C SER B 178 29.27 -7.32 -5.45
N GLY B 179 28.33 -6.45 -5.07
CA GLY B 179 27.24 -6.84 -4.20
C GLY B 179 27.45 -6.53 -2.72
N LEU B 180 28.65 -6.08 -2.31
CA LEU B 180 28.93 -5.67 -0.94
C LEU B 180 28.82 -4.16 -0.79
N TYR B 181 28.87 -3.70 0.46
CA TYR B 181 28.79 -2.28 0.80
C TYR B 181 30.15 -1.77 1.30
N SER B 182 30.36 -0.47 1.17
CA SER B 182 31.54 0.18 1.75
C SER B 182 31.16 1.58 2.20
N LEU B 183 31.86 2.07 3.22
CA LEU B 183 31.68 3.45 3.63
C LEU B 183 32.95 3.90 4.35
N SER B 184 33.00 5.20 4.63
CA SER B 184 34.03 5.74 5.50
C SER B 184 33.37 6.53 6.62
N SER B 185 34.10 6.64 7.73
CA SER B 185 33.76 7.55 8.82
C SER B 185 34.96 8.44 9.07
N VAL B 186 34.71 9.72 9.27
CA VAL B 186 35.77 10.70 9.44
C VAL B 186 35.43 11.57 10.65
N VAL B 187 36.47 12.20 11.21
CA VAL B 187 36.31 13.11 12.32
C VAL B 187 37.41 14.15 12.23
N THR B 188 37.08 15.39 12.58
CA THR B 188 38.10 16.42 12.69
C THR B 188 38.32 16.73 14.17
N VAL B 189 39.59 16.84 14.56
CA VAL B 189 40.02 16.98 15.95
C VAL B 189 41.08 18.07 15.99
N PRO B 190 41.45 18.58 17.18
CA PRO B 190 42.59 19.51 17.25
C PRO B 190 43.88 18.80 16.86
N SER B 191 44.66 19.45 16.00
CA SER B 191 45.97 18.89 15.66
C SER B 191 46.87 18.76 16.88
N SER B 192 46.62 19.57 17.91
CA SER B 192 47.41 19.49 19.14
C SER B 192 47.19 18.16 19.86
N SER B 193 46.05 17.52 19.67
CA SER B 193 45.77 16.29 20.39
C SER B 193 46.42 15.06 19.74
N LEU B 194 46.97 15.20 18.53
CA LEU B 194 47.60 14.06 17.85
C LEU B 194 48.85 13.63 18.62
N GLY B 195 49.01 12.33 18.84
CA GLY B 195 50.12 11.86 19.65
C GLY B 195 49.92 11.95 21.14
N THR B 196 48.87 12.58 21.62
CA THR B 196 48.51 12.56 23.03
C THR B 196 47.15 11.90 23.28
N GLN B 197 46.19 12.10 22.38
CA GLN B 197 44.90 11.44 22.44
C GLN B 197 44.88 10.27 21.46
N THR B 198 44.41 9.12 21.94
CA THR B 198 44.25 7.95 21.11
C THR B 198 42.89 8.01 20.41
N TYR B 199 42.87 7.70 19.12
CA TYR B 199 41.62 7.70 18.35
C TYR B 199 41.37 6.29 17.80
N ILE B 200 40.21 5.72 18.17
CA ILE B 200 39.81 4.39 17.77
C ILE B 200 38.42 4.47 17.14
N CYS B 201 38.26 3.91 15.95
CA CYS B 201 36.94 3.77 15.36
C CYS B 201 36.40 2.38 15.68
N ASN B 202 35.19 2.33 16.22
CA ASN B 202 34.56 1.10 16.66
C ASN B 202 33.50 0.72 15.63
N VAL B 203 33.70 -0.39 14.93
CA VAL B 203 32.80 -0.81 13.86
C VAL B 203 32.03 -2.05 14.32
N ASN B 204 30.70 -1.93 14.39
CA ASN B 204 29.82 -3.05 14.72
C ASN B 204 28.99 -3.47 13.51
N HIS B 205 29.06 -4.75 13.16
CA HIS B 205 28.26 -5.29 12.07
C HIS B 205 27.49 -6.48 12.63
N LYS B 206 26.32 -6.20 13.21
CA LYS B 206 25.54 -7.28 13.83
C LYS B 206 25.19 -8.43 12.89
N PRO B 207 24.82 -8.22 11.63
CA PRO B 207 24.43 -9.38 10.79
C PRO B 207 25.51 -10.44 10.67
N SER B 208 26.79 -10.08 10.78
CA SER B 208 27.88 -11.04 10.77
C SER B 208 28.49 -11.24 12.14
N ASN B 209 27.90 -10.65 13.18
CA ASN B 209 28.45 -10.68 14.54
C ASN B 209 29.94 -10.30 14.56
N THR B 210 30.29 -9.25 13.80
CA THR B 210 31.64 -8.73 13.73
C THR B 210 31.74 -7.41 14.48
N LYS B 211 32.80 -7.25 15.26
CA LYS B 211 33.11 -6.00 15.93
C LYS B 211 34.59 -5.75 15.73
N VAL B 212 34.94 -4.58 15.19
CA VAL B 212 36.32 -4.20 14.92
C VAL B 212 36.62 -2.88 15.60
N ASP B 213 37.73 -2.82 16.34
CA ASP B 213 38.21 -1.59 16.95
C ASP B 213 39.54 -1.27 16.31
N LYS B 214 39.59 -0.19 15.53
CA LYS B 214 40.78 0.15 14.76
C LYS B 214 41.37 1.46 15.26
N LYS B 215 42.60 1.40 15.75
CA LYS B 215 43.28 2.59 16.22
C LYS B 215 43.84 3.35 15.02
N VAL B 216 43.70 4.67 15.02
CA VAL B 216 44.11 5.52 13.91
C VAL B 216 45.16 6.50 14.43
N GLU B 217 46.37 6.43 13.91
CA GLU B 217 47.46 7.24 14.42
C GLU B 217 48.21 7.91 13.27
N PRO B 218 48.89 9.02 13.56
CA PRO B 218 49.62 9.74 12.50
C PRO B 218 50.54 8.86 11.71
N LYS B 219 50.51 9.04 10.39
CA LYS B 219 51.40 8.33 9.50
C LYS B 219 52.83 8.81 9.75
N SER B 220 53.71 7.87 10.09
CA SER B 220 55.12 8.17 10.30
C SER B 220 55.95 7.85 9.05
N GLN C 1 -3.45 4.76 -9.68
CA GLN C 1 -2.57 5.13 -10.79
C GLN C 1 -2.62 6.58 -11.11
N ILE C 2 -3.18 7.28 -10.14
CA ILE C 2 -2.95 8.70 -10.01
C ILE C 2 -1.45 8.93 -9.90
N VAL C 3 -0.94 9.82 -10.72
CA VAL C 3 0.43 10.30 -10.60
C VAL C 3 0.40 11.61 -9.81
N LEU C 4 1.22 11.68 -8.77
CA LEU C 4 1.32 12.89 -7.95
C LEU C 4 2.66 13.56 -8.24
N SER C 5 2.61 14.80 -8.70
CA SER C 5 3.79 15.54 -9.12
C SER C 5 4.05 16.65 -8.11
N GLN C 6 5.15 16.55 -7.37
CA GLN C 6 5.48 17.54 -6.37
C GLN C 6 6.41 18.58 -6.97
N SER C 7 6.29 19.81 -6.50
CA SER C 7 7.27 20.82 -6.92
C SER C 7 7.46 21.82 -5.78
N PRO C 8 8.69 22.31 -5.58
CA PRO C 8 9.90 21.93 -6.32
C PRO C 8 10.44 20.61 -5.78
N LEU C 9 11.52 20.10 -6.41
CA LEU C 9 12.18 18.89 -5.94
C LEU C 9 12.97 19.14 -4.66
N SER C 10 13.57 20.33 -4.56
CA SER C 10 14.38 20.75 -3.43
C SER C 10 14.03 22.19 -3.10
N LEU C 11 13.91 22.49 -1.81
CA LEU C 11 13.46 23.78 -1.35
C LEU C 11 14.40 24.28 -0.25
N PRO C 12 15.37 25.12 -0.60
CA PRO C 12 16.14 25.83 0.43
C PRO C 12 15.35 26.99 0.99
N VAL C 13 15.35 27.13 2.31
CA VAL C 13 14.61 28.19 2.98
C VAL C 13 15.32 28.59 4.27
N SER C 14 15.37 29.90 4.52
CA SER C 14 15.94 30.45 5.74
C SER C 14 15.03 30.18 6.93
N LEU C 15 15.65 29.90 8.07
CA LEU C 15 14.90 29.79 9.33
C LEU C 15 14.01 31.01 9.50
N GLY C 16 12.74 30.78 9.83
CA GLY C 16 11.80 31.86 10.05
C GLY C 16 11.02 32.30 8.83
N ASP C 17 11.45 31.91 7.63
CA ASP C 17 10.71 32.19 6.41
C ASP C 17 9.61 31.14 6.18
N GLN C 18 8.73 31.46 5.24
CA GLN C 18 7.65 30.55 4.84
C GLN C 18 8.14 29.63 3.73
N ALA C 19 7.60 28.41 3.70
CA ALA C 19 7.85 27.49 2.61
C ALA C 19 6.52 27.01 2.03
N SER C 20 6.51 26.73 0.74
CA SER C 20 5.30 26.30 0.06
C SER C 20 5.66 25.14 -0.85
N ILE C 21 4.91 24.05 -0.77
CA ILE C 21 5.18 22.82 -1.50
C ILE C 21 3.93 22.42 -2.26
N SER C 22 4.07 22.11 -3.55
CA SER C 22 2.93 21.88 -4.41
C SER C 22 2.82 20.39 -4.75
N CYS C 23 1.59 19.91 -4.82
CA CYS C 23 1.33 18.53 -5.22
C CYS C 23 0.21 18.57 -6.25
N ARG C 24 0.49 18.07 -7.45
CA ARG C 24 -0.48 18.05 -8.53
C ARG C 24 -0.86 16.61 -8.85
N SER C 25 -2.16 16.35 -8.99
CA SER C 25 -2.68 15.02 -9.24
C SER C 25 -3.06 14.87 -10.71
N SER C 26 -2.85 13.67 -11.27
CA SER C 26 -3.15 13.43 -12.67
C SER C 26 -4.64 13.28 -12.95
N GLN C 27 -5.44 12.98 -11.93
CA GLN C 27 -6.90 13.06 -12.00
C GLN C 27 -7.41 13.59 -10.67
N SER C 28 -8.69 13.94 -10.64
CA SER C 28 -9.26 14.53 -9.44
C SER C 28 -9.21 13.54 -8.28
N LEU C 29 -8.89 14.06 -7.10
CA LEU C 29 -8.88 13.27 -5.87
C LEU C 29 -10.19 13.37 -5.09
N LEU C 30 -11.20 14.03 -5.65
CA LEU C 30 -12.54 14.03 -5.07
C LEU C 30 -13.14 12.63 -5.19
N HIS C 31 -13.42 12.01 -4.05
CA HIS C 31 -14.11 10.73 -3.98
C HIS C 31 -15.62 10.93 -4.09
N SER C 32 -16.29 9.94 -4.67
CA SER C 32 -17.75 9.99 -4.78
C SER C 32 -18.44 10.14 -3.42
N ASN C 33 -17.76 9.80 -2.32
CA ASN C 33 -18.39 10.05 -1.03
C ASN C 33 -18.31 11.52 -0.60
N GLY C 34 -17.66 12.39 -1.39
CA GLY C 34 -17.59 13.81 -1.06
C GLY C 34 -16.28 14.25 -0.41
N ASN C 35 -15.45 13.32 0.04
CA ASN C 35 -14.17 13.65 0.62
C ASN C 35 -13.06 13.60 -0.42
N THR C 36 -11.95 14.27 -0.11
CA THR C 36 -10.76 14.36 -0.96
C THR C 36 -9.59 13.81 -0.16
N TYR C 37 -9.08 12.66 -0.59
CA TYR C 37 -8.09 11.93 0.23
C TYR C 37 -6.67 12.29 -0.21
N LEU C 38 -6.29 13.52 0.03
CA LEU C 38 -4.89 13.91 -0.25
C LEU C 38 -4.23 14.22 1.09
N HIS C 39 -3.07 13.63 1.32
CA HIS C 39 -2.44 13.75 2.65
C HIS C 39 -0.98 14.17 2.52
N TRP C 40 -0.43 14.67 3.61
CA TRP C 40 0.93 15.20 3.61
C TRP C 40 1.75 14.62 4.75
N TYR C 41 3.01 14.29 4.45
CA TYR C 41 3.89 13.66 5.43
C TYR C 41 5.26 14.31 5.43
N LEU C 42 5.98 14.18 6.54
CA LEU C 42 7.38 14.55 6.63
C LEU C 42 8.17 13.33 7.09
N GLN C 43 9.26 13.03 6.39
CA GLN C 43 10.24 12.05 6.84
C GLN C 43 11.51 12.80 7.22
N LYS C 44 11.80 12.84 8.51
CA LYS C 44 13.05 13.40 8.98
C LYS C 44 14.17 12.38 8.74
N PRO C 45 15.42 12.84 8.66
CA PRO C 45 16.51 11.93 8.30
C PRO C 45 16.63 10.79 9.30
N GLY C 46 16.71 9.58 8.78
CA GLY C 46 16.86 8.40 9.60
C GLY C 46 15.63 7.98 10.38
N GLN C 47 14.48 8.66 10.20
CA GLN C 47 13.27 8.35 10.93
C GLN C 47 12.18 7.82 10.00
N SER C 48 11.13 7.27 10.60
CA SER C 48 10.01 6.82 9.79
C SER C 48 9.14 8.03 9.43
N PRO C 49 8.34 7.95 8.36
CA PRO C 49 7.50 9.10 8.00
C PRO C 49 6.49 9.43 9.08
N LYS C 50 5.99 10.66 9.01
CA LYS C 50 5.07 11.20 10.02
C LYS C 50 3.97 12.00 9.33
N LEU C 51 2.72 11.72 9.69
CA LEU C 51 1.59 12.44 9.11
C LEU C 51 1.54 13.88 9.62
N LEU C 52 1.35 14.82 8.69
CA LEU C 52 1.15 16.22 9.02
C LEU C 52 -0.31 16.63 8.81
N ILE C 53 -0.82 16.38 7.61
CA ILE C 53 -2.13 16.85 7.18
C ILE C 53 -2.85 15.69 6.52
N TYR C 54 -4.12 15.48 6.87
CA TYR C 54 -4.94 14.50 6.17
C TYR C 54 -6.19 15.15 5.61
N LYS C 55 -6.69 14.56 4.53
CA LYS C 55 -7.82 15.08 3.74
C LYS C 55 -7.68 16.58 3.50
N VAL C 56 -6.60 16.93 2.78
CA VAL C 56 -6.31 18.26 2.25
C VAL C 56 -5.83 19.26 3.29
N SER C 57 -6.60 19.44 4.38
CA SER C 57 -6.40 20.57 5.27
C SER C 57 -6.58 20.25 6.75
N ASN C 58 -6.84 18.99 7.14
CA ASN C 58 -7.00 18.64 8.54
C ASN C 58 -5.64 18.38 9.13
N ARG C 59 -5.20 19.23 10.06
CA ARG C 59 -3.95 18.98 10.74
C ARG C 59 -4.09 17.85 11.75
N PHE C 60 -3.23 16.84 11.62
CA PHE C 60 -3.23 15.69 12.51
C PHE C 60 -2.97 16.13 13.95
N SER C 61 -3.61 15.45 14.91
CA SER C 61 -3.54 15.86 16.31
C SER C 61 -2.09 15.90 16.79
N GLY C 62 -1.70 17.02 17.41
CA GLY C 62 -0.35 17.20 17.92
C GLY C 62 0.64 17.81 16.94
N VAL C 63 0.31 17.92 15.67
CA VAL C 63 1.24 18.49 14.68
C VAL C 63 1.33 20.00 14.91
N PRO C 64 2.54 20.59 14.88
CA PRO C 64 2.65 22.04 15.09
C PRO C 64 1.81 22.84 14.11
N ASP C 65 1.24 23.94 14.60
CA ASP C 65 0.32 24.68 13.76
C ASP C 65 1.00 25.53 12.68
N ARG C 66 2.33 25.56 12.63
CA ARG C 66 2.96 26.16 11.45
C ARG C 66 2.69 25.37 10.17
N PHE C 67 2.19 24.13 10.24
CA PHE C 67 1.89 23.35 9.05
C PHE C 67 0.41 23.51 8.71
N SER C 68 0.12 23.79 7.44
CA SER C 68 -1.26 23.80 6.97
C SER C 68 -1.33 23.31 5.53
N GLY C 69 -2.52 22.89 5.12
CA GLY C 69 -2.73 22.39 3.79
C GLY C 69 -3.98 23.00 3.16
N SER C 70 -3.96 23.08 1.84
CA SER C 70 -5.11 23.57 1.11
C SER C 70 -5.13 22.97 -0.29
N GLY C 71 -6.20 23.27 -1.02
CA GLY C 71 -6.35 22.84 -2.40
C GLY C 71 -7.69 22.18 -2.63
N SER C 72 -7.88 21.73 -3.87
CA SER C 72 -9.07 21.01 -4.26
C SER C 72 -8.82 20.35 -5.60
N GLY C 73 -9.58 19.29 -5.87
CA GLY C 73 -9.53 18.62 -7.16
C GLY C 73 -8.19 17.98 -7.49
N THR C 74 -7.36 18.69 -8.26
CA THR C 74 -6.05 18.20 -8.65
C THR C 74 -4.89 19.09 -8.17
N ASP C 75 -5.15 20.16 -7.41
CA ASP C 75 -4.08 21.10 -7.07
C ASP C 75 -4.07 21.36 -5.57
N PHE C 76 -2.96 21.06 -4.93
CA PHE C 76 -2.85 21.06 -3.47
C PHE C 76 -1.54 21.67 -3.05
N THR C 77 -1.54 22.30 -1.86
CA THR C 77 -0.39 23.03 -1.38
C THR C 77 -0.18 22.82 0.11
N LEU C 78 1.05 22.50 0.50
CA LEU C 78 1.44 22.43 1.89
C LEU C 78 2.25 23.67 2.24
N LYS C 79 1.88 24.35 3.32
CA LYS C 79 2.56 25.58 3.75
C LYS C 79 3.17 25.38 5.13
N ILE C 80 4.40 25.86 5.29
CA ILE C 80 5.03 26.04 6.59
C ILE C 80 5.16 27.55 6.78
N SER C 81 4.41 28.10 7.74
CA SER C 81 4.36 29.55 7.87
C SER C 81 5.70 30.13 8.31
N ARG C 82 6.47 29.38 9.11
CA ARG C 82 7.69 29.86 9.72
C ARG C 82 8.59 28.65 10.00
N VAL C 83 9.59 28.46 9.14
CA VAL C 83 10.38 27.23 9.14
C VAL C 83 11.31 27.18 10.35
N GLU C 84 11.37 26.02 11.00
CA GLU C 84 12.24 25.78 12.14
C GLU C 84 13.29 24.75 11.75
N ALA C 85 14.38 24.69 12.53
CA ALA C 85 15.47 23.77 12.20
C ALA C 85 14.97 22.34 12.11
N GLU C 86 14.01 21.97 12.95
CA GLU C 86 13.49 20.60 12.97
C GLU C 86 12.67 20.25 11.74
N ASP C 87 12.42 21.20 10.82
CA ASP C 87 11.63 20.88 9.64
C ASP C 87 12.47 20.35 8.49
N LEU C 88 13.79 20.27 8.67
CA LEU C 88 14.67 19.59 7.73
C LEU C 88 14.16 18.18 7.43
N GLY C 89 14.08 17.83 6.15
CA GLY C 89 13.71 16.49 5.76
C GLY C 89 12.99 16.48 4.42
N VAL C 90 12.29 15.38 4.15
CA VAL C 90 11.62 15.17 2.88
C VAL C 90 10.12 15.17 3.10
N TYR C 91 9.40 15.96 2.31
CA TYR C 91 7.96 16.07 2.39
C TYR C 91 7.33 15.28 1.24
N PHE C 92 6.30 14.49 1.56
CA PHE C 92 5.61 13.67 0.58
C PHE C 92 4.13 13.99 0.63
N CYS C 93 3.49 14.16 -0.53
CA CYS C 93 2.04 14.04 -0.58
C CYS C 93 1.70 12.60 -0.94
N SER C 94 0.48 12.17 -0.58
CA SER C 94 0.01 10.86 -1.02
C SER C 94 -1.51 10.87 -1.13
N GLN C 95 -2.06 9.94 -1.91
CA GLN C 95 -3.52 9.94 -2.09
C GLN C 95 -4.08 8.55 -1.81
N SER C 96 -5.29 8.51 -1.23
CA SER C 96 -5.99 7.25 -1.00
C SER C 96 -7.45 7.33 -1.46
N THR C 97 -7.75 8.22 -2.40
CA THR C 97 -9.05 8.19 -3.07
C THR C 97 -9.15 6.95 -3.95
N HIS C 98 -8.10 6.67 -4.70
CA HIS C 98 -8.08 5.58 -5.67
C HIS C 98 -7.01 4.53 -5.35
N VAL C 99 -7.29 3.29 -5.75
CA VAL C 99 -6.35 2.17 -5.71
C VAL C 99 -5.59 2.10 -7.03
N PRO C 100 -4.25 1.94 -7.04
CA PRO C 100 -3.32 1.89 -5.89
C PRO C 100 -3.22 3.21 -5.18
N TYR C 101 -2.98 3.17 -3.87
CA TYR C 101 -2.53 4.36 -3.17
C TYR C 101 -1.15 4.74 -3.69
N THR C 102 -0.95 6.03 -3.93
CA THR C 102 0.29 6.49 -4.55
C THR C 102 0.86 7.68 -3.79
N PHE C 103 2.18 7.84 -3.92
CA PHE C 103 2.94 8.91 -3.28
C PHE C 103 3.52 9.82 -4.34
N GLY C 104 3.63 11.10 -4.00
CA GLY C 104 4.52 11.97 -4.75
C GLY C 104 5.96 11.54 -4.56
N GLY C 105 6.86 12.18 -5.31
CA GLY C 105 8.26 11.79 -5.32
C GLY C 105 9.09 12.36 -4.17
N GLY C 106 8.58 13.32 -3.44
CA GLY C 106 9.34 13.87 -2.33
C GLY C 106 9.88 15.24 -2.67
N THR C 107 9.79 16.16 -1.72
CA THR C 107 10.42 17.47 -1.76
C THR C 107 11.37 17.58 -0.57
N LYS C 108 12.65 17.84 -0.85
CA LYS C 108 13.68 17.95 0.20
C LYS C 108 13.75 19.40 0.66
N LEU C 109 13.39 19.64 1.91
CA LEU C 109 13.49 20.96 2.48
C LEU C 109 14.90 21.13 3.06
N GLU C 110 15.59 22.15 2.60
CA GLU C 110 16.97 22.44 2.97
C GLU C 110 16.98 23.71 3.81
N ILE C 111 17.75 23.71 4.90
CA ILE C 111 17.90 24.91 5.72
C ILE C 111 18.98 25.79 5.09
N LYS C 112 18.61 27.01 4.71
CA LYS C 112 19.59 27.93 4.13
C LYS C 112 20.60 28.38 5.19
N ARG C 113 21.85 28.56 4.76
CA ARG C 113 22.89 29.12 5.64
C ARG C 113 23.86 29.88 4.75
N THR C 114 24.81 30.57 5.37
CA THR C 114 25.75 31.29 4.54
C THR C 114 26.66 30.29 3.82
N VAL C 115 27.20 30.72 2.69
CA VAL C 115 28.11 29.88 1.92
C VAL C 115 29.27 29.41 2.79
N ALA C 116 29.70 28.16 2.60
CA ALA C 116 30.87 27.64 3.29
C ALA C 116 31.65 26.81 2.29
N ALA C 117 32.87 27.24 1.97
CA ALA C 117 33.69 26.49 1.06
C ALA C 117 34.15 25.20 1.74
N PRO C 118 34.35 24.11 1.01
CA PRO C 118 34.81 22.88 1.68
C PRO C 118 36.26 22.99 2.11
N SER C 119 36.56 22.37 3.25
CA SER C 119 37.93 21.97 3.55
C SER C 119 38.19 20.66 2.83
N VAL C 120 39.28 20.61 2.06
CA VAL C 120 39.59 19.47 1.19
C VAL C 120 40.81 18.75 1.75
N PHE C 121 40.63 17.47 2.07
CA PHE C 121 41.67 16.62 2.64
C PHE C 121 41.82 15.37 1.80
N ILE C 122 43.04 14.81 1.74
CA ILE C 122 43.28 13.59 0.97
C ILE C 122 44.05 12.58 1.84
N PHE C 123 43.70 11.30 1.67
CA PHE C 123 44.24 10.20 2.47
C PHE C 123 44.81 9.16 1.51
N PRO C 124 46.12 8.91 1.53
CA PRO C 124 46.68 7.79 0.75
C PRO C 124 46.16 6.46 1.26
N PRO C 125 46.34 5.36 0.51
CA PRO C 125 45.94 4.05 1.04
C PRO C 125 46.80 3.67 2.23
N SER C 126 46.22 2.88 3.13
CA SER C 126 47.00 2.37 4.25
C SER C 126 47.87 1.21 3.80
N ASP C 127 49.02 1.05 4.47
CA ASP C 127 49.87 -0.11 4.17
C ASP C 127 49.12 -1.42 4.40
N GLU C 128 48.22 -1.44 5.38
CA GLU C 128 47.45 -2.65 5.65
C GLU C 128 46.62 -3.05 4.43
N GLN C 129 45.91 -2.08 3.83
CA GLN C 129 45.13 -2.40 2.64
C GLN C 129 46.05 -2.75 1.47
N LEU C 130 47.19 -2.07 1.37
CA LEU C 130 48.07 -2.30 0.24
C LEU C 130 48.62 -3.73 0.27
N LYS C 131 48.92 -4.24 1.48
CA LYS C 131 49.33 -5.65 1.63
C LYS C 131 48.31 -6.60 1.05
N SER C 132 47.02 -6.25 1.12
CA SER C 132 45.93 -7.05 0.60
C SER C 132 45.77 -6.94 -0.91
N GLY C 133 46.52 -6.07 -1.58
CA GLY C 133 46.50 -5.98 -3.03
C GLY C 133 45.59 -4.93 -3.62
N THR C 134 45.04 -4.03 -2.80
CA THR C 134 44.15 -2.98 -3.26
C THR C 134 44.60 -1.65 -2.66
N ALA C 135 44.31 -0.57 -3.37
CA ALA C 135 44.65 0.78 -2.90
C ALA C 135 43.43 1.68 -3.07
N SER C 136 42.83 2.10 -1.97
CA SER C 136 41.79 3.12 -1.99
C SER C 136 42.38 4.45 -1.55
N VAL C 137 42.14 5.48 -2.36
CA VAL C 137 42.52 6.86 -2.05
C VAL C 137 41.23 7.61 -1.75
N VAL C 138 41.19 8.31 -0.61
CA VAL C 138 39.97 8.99 -0.17
C VAL C 138 40.20 10.49 -0.20
N CYS C 139 39.28 11.21 -0.85
CA CYS C 139 39.27 12.66 -0.87
C CYS C 139 38.05 13.11 -0.07
N LEU C 140 38.25 14.01 0.88
CA LEU C 140 37.18 14.44 1.77
C LEU C 140 36.90 15.92 1.55
N LEU C 141 35.64 16.26 1.27
CA LEU C 141 35.18 17.64 1.21
C LEU C 141 34.33 17.85 2.46
N ASN C 142 34.82 18.64 3.39
CA ASN C 142 34.21 18.70 4.71
C ASN C 142 33.50 20.02 4.94
N ASN C 143 32.25 19.93 5.41
CA ASN C 143 31.49 21.06 5.97
C ASN C 143 31.31 22.20 4.96
N PHE C 144 30.65 21.90 3.85
CA PHE C 144 30.42 22.93 2.83
C PHE C 144 28.94 23.20 2.64
N TYR C 145 28.67 24.35 1.98
CA TYR C 145 27.32 24.77 1.64
C TYR C 145 27.41 25.80 0.53
N PRO C 146 26.55 25.75 -0.50
CA PRO C 146 25.47 24.78 -0.74
C PRO C 146 25.99 23.44 -1.23
N ARG C 147 25.08 22.52 -1.55
CA ARG C 147 25.45 21.13 -1.76
C ARG C 147 26.20 20.92 -3.08
N GLU C 148 25.96 21.76 -4.07
CA GLU C 148 26.56 21.57 -5.39
C GLU C 148 28.08 21.59 -5.29
N ALA C 149 28.71 20.49 -5.73
CA ALA C 149 30.17 20.41 -5.78
C ALA C 149 30.56 19.44 -6.89
N LYS C 150 31.75 19.63 -7.44
CA LYS C 150 32.29 18.70 -8.43
C LYS C 150 33.64 18.19 -7.93
N VAL C 151 33.84 16.87 -8.03
CA VAL C 151 35.06 16.22 -7.56
C VAL C 151 35.51 15.24 -8.64
N GLN C 152 36.75 15.38 -9.11
CA GLN C 152 37.30 14.40 -10.04
C GLN C 152 38.68 13.98 -9.57
N TRP C 153 39.16 12.85 -10.12
CA TRP C 153 40.46 12.30 -9.76
C TRP C 153 41.42 12.37 -10.93
N LYS C 154 42.68 12.74 -10.66
CA LYS C 154 43.71 12.73 -11.69
C LYS C 154 44.90 11.95 -11.16
N VAL C 155 45.41 11.02 -11.97
CA VAL C 155 46.57 10.22 -11.62
C VAL C 155 47.65 10.53 -12.65
N ASP C 156 48.71 11.19 -12.22
CA ASP C 156 49.72 11.73 -13.13
C ASP C 156 49.05 12.55 -14.22
N ASN C 157 48.11 13.40 -13.79
CA ASN C 157 47.36 14.34 -14.61
C ASN C 157 46.42 13.70 -15.62
N ALA C 158 46.20 12.39 -15.54
CA ALA C 158 45.22 11.73 -16.40
C ALA C 158 43.91 11.58 -15.64
N LEU C 159 42.83 12.10 -16.20
CA LEU C 159 41.52 11.99 -15.56
C LEU C 159 41.11 10.52 -15.42
N GLN C 160 40.59 10.16 -14.25
CA GLN C 160 40.12 8.81 -13.96
C GLN C 160 38.61 8.73 -14.19
N SER C 161 38.16 7.64 -14.77
CA SER C 161 36.74 7.35 -14.79
C SER C 161 36.52 5.85 -14.64
N GLY C 162 35.40 5.50 -14.03
CA GLY C 162 35.04 4.11 -13.82
C GLY C 162 35.63 3.46 -12.58
N ASN C 163 36.42 4.19 -11.77
CA ASN C 163 37.10 3.58 -10.63
C ASN C 163 36.91 4.39 -9.34
N SER C 164 35.87 5.20 -9.24
CA SER C 164 35.66 5.98 -8.03
C SER C 164 34.19 6.02 -7.71
N GLN C 165 33.90 6.33 -6.45
CA GLN C 165 32.52 6.45 -6.00
C GLN C 165 32.47 7.53 -4.96
N GLU C 166 31.32 8.19 -4.84
CA GLU C 166 31.20 9.26 -3.87
C GLU C 166 29.95 9.06 -3.03
N SER C 167 29.98 9.66 -1.84
CA SER C 167 28.88 9.61 -0.90
C SER C 167 28.80 10.96 -0.22
N VAL C 168 27.57 11.43 0.03
CA VAL C 168 27.34 12.73 0.64
C VAL C 168 26.49 12.54 1.88
N THR C 169 26.83 13.28 2.94
CA THR C 169 26.04 13.21 4.17
C THR C 169 24.74 14.00 3.99
N GLU C 170 23.80 13.73 4.90
CA GLU C 170 22.64 14.59 5.04
C GLU C 170 23.06 15.93 5.64
N GLN C 171 22.29 16.97 5.32
CA GLN C 171 22.54 18.29 5.89
C GLN C 171 22.64 18.19 7.40
N ASP C 172 23.72 18.74 7.95
CA ASP C 172 23.97 18.62 9.38
C ASP C 172 22.89 19.37 10.16
N SER C 173 22.45 18.78 11.28
CA SER C 173 21.35 19.36 12.05
C SER C 173 21.77 20.60 12.81
N LYS C 174 23.06 20.74 13.13
CA LYS C 174 23.50 21.87 13.94
C LYS C 174 24.17 22.98 13.16
N ASP C 175 24.90 22.69 12.07
CA ASP C 175 25.53 23.77 11.31
C ASP C 175 25.11 23.84 9.86
N SER C 176 24.23 22.95 9.42
CA SER C 176 23.54 22.99 8.13
C SER C 176 24.47 22.79 6.94
N THR C 177 25.66 22.23 7.16
CA THR C 177 26.58 21.93 6.06
C THR C 177 26.45 20.48 5.59
N TYR C 178 27.11 20.21 4.46
CA TYR C 178 27.28 18.89 3.88
C TYR C 178 28.75 18.48 3.94
N SER C 179 28.99 17.18 3.91
CA SER C 179 30.31 16.65 3.68
C SER C 179 30.20 15.59 2.61
N LEU C 180 31.29 15.39 1.88
CA LEU C 180 31.30 14.46 0.76
C LEU C 180 32.62 13.72 0.77
N SER C 181 32.55 12.42 0.51
CA SER C 181 33.73 11.61 0.32
C SER C 181 33.76 11.13 -1.11
N SER C 182 34.95 11.10 -1.70
CA SER C 182 35.15 10.46 -2.99
C SER C 182 36.29 9.47 -2.84
N THR C 183 36.08 8.24 -3.28
CA THR C 183 37.02 7.16 -3.06
C THR C 183 37.46 6.59 -4.39
N LEU C 184 38.76 6.68 -4.67
CA LEU C 184 39.38 6.11 -5.85
C LEU C 184 40.03 4.77 -5.49
N THR C 185 39.66 3.71 -6.21
CA THR C 185 40.17 2.38 -5.91
C THR C 185 40.94 1.86 -7.12
N LEU C 186 42.22 1.55 -6.90
CA LEU C 186 43.08 0.97 -7.91
C LEU C 186 43.58 -0.37 -7.40
N SER C 187 44.00 -1.24 -8.33
CA SER C 187 44.78 -2.39 -7.91
C SER C 187 46.13 -1.91 -7.40
N LYS C 188 46.72 -2.70 -6.49
CA LYS C 188 48.03 -2.36 -5.94
C LYS C 188 49.06 -2.13 -7.04
N ALA C 189 49.09 -3.02 -8.05
CA ALA C 189 50.06 -2.88 -9.13
C ALA C 189 49.86 -1.56 -9.89
N ASP C 190 48.61 -1.25 -10.26
CA ASP C 190 48.33 0.03 -10.88
C ASP C 190 48.76 1.20 -9.99
N TYR C 191 48.46 1.12 -8.69
CA TYR C 191 48.80 2.19 -7.77
C TYR C 191 50.31 2.46 -7.76
N GLU C 192 51.10 1.40 -7.73
CA GLU C 192 52.55 1.57 -7.67
C GLU C 192 53.17 1.91 -9.02
N LYS C 193 52.36 2.05 -10.08
CA LYS C 193 52.83 2.48 -11.39
C LYS C 193 52.79 4.00 -11.57
N HIS C 194 52.35 4.75 -10.55
CA HIS C 194 52.16 6.18 -10.73
C HIS C 194 52.64 6.94 -9.50
N LYS C 195 52.86 8.24 -9.65
CA LYS C 195 53.43 9.06 -8.59
C LYS C 195 52.43 10.03 -7.98
N VAL C 196 51.73 10.81 -8.78
CA VAL C 196 50.92 11.94 -8.30
C VAL C 196 49.46 11.53 -8.25
N TYR C 197 48.86 11.63 -7.07
CA TYR C 197 47.45 11.33 -6.87
C TYR C 197 46.74 12.61 -6.46
N ALA C 198 45.79 13.04 -7.27
CA ALA C 198 45.20 14.37 -7.10
C ALA C 198 43.69 14.29 -7.11
N CYS C 199 43.09 15.05 -6.19
CA CYS C 199 41.66 15.30 -6.11
C CYS C 199 41.40 16.77 -6.46
N GLU C 200 40.56 17.02 -7.47
CA GLU C 200 40.24 18.37 -7.92
C GLU C 200 38.81 18.72 -7.54
N VAL C 201 38.63 19.82 -6.80
CA VAL C 201 37.34 20.17 -6.20
C VAL C 201 36.88 21.51 -6.75
N THR C 202 35.64 21.58 -7.22
CA THR C 202 35.03 22.83 -7.66
C THR C 202 33.81 23.12 -6.78
N HIS C 203 33.78 24.33 -6.22
CA HIS C 203 32.66 24.73 -5.36
C HIS C 203 32.57 26.24 -5.37
N GLN C 204 31.36 26.79 -5.34
CA GLN C 204 31.19 28.22 -5.51
C GLN C 204 31.84 29.02 -4.38
N GLY C 205 32.09 28.37 -3.24
CA GLY C 205 32.75 29.05 -2.13
C GLY C 205 34.24 29.24 -2.32
N LEU C 206 34.83 28.63 -3.34
CA LEU C 206 36.26 28.72 -3.59
C LEU C 206 36.53 29.74 -4.69
N SER C 207 37.69 30.41 -4.62
CA SER C 207 38.02 31.36 -5.68
C SER C 207 38.37 30.66 -6.99
N SER C 208 38.83 29.42 -6.94
CA SER C 208 39.10 28.64 -8.14
C SER C 208 39.08 27.17 -7.76
N PRO C 209 39.04 26.24 -8.73
CA PRO C 209 39.10 24.82 -8.36
C PRO C 209 40.38 24.51 -7.61
N VAL C 210 40.24 23.70 -6.56
CA VAL C 210 41.37 23.31 -5.70
C VAL C 210 41.78 21.90 -6.05
N THR C 211 43.08 21.71 -6.28
CA THR C 211 43.68 20.40 -6.47
C THR C 211 44.47 20.04 -5.21
N LYS C 212 44.04 18.98 -4.53
CA LYS C 212 44.76 18.46 -3.38
C LYS C 212 45.41 17.15 -3.80
N SER C 213 46.70 17.00 -3.53
CA SER C 213 47.43 15.90 -4.12
C SER C 213 48.56 15.47 -3.18
N PHE C 214 49.10 14.28 -3.44
CA PHE C 214 50.30 13.76 -2.76
C PHE C 214 51.11 12.96 -3.77
N ASN C 215 52.38 12.75 -3.45
CA ASN C 215 53.24 11.84 -4.20
C ASN C 215 53.34 10.51 -3.45
N ARG C 216 53.12 9.41 -4.17
CA ARG C 216 53.06 8.09 -3.55
C ARG C 216 54.25 7.86 -2.62
N GLY C 217 55.46 7.92 -3.16
CA GLY C 217 56.62 7.67 -2.34
C GLY C 217 57.03 8.82 -1.45
N GLU C 218 56.09 9.36 -0.67
CA GLU C 218 56.36 10.54 0.14
C GLU C 218 55.57 10.45 1.44
N CYS C 219 56.08 11.12 2.47
CA CYS C 219 55.39 11.21 3.75
C CYS C 219 55.80 12.49 4.49
MN MN D . -38.50 -11.68 -10.79
MN MN E . -36.38 -14.67 -10.28
C15 0N8 F . -40.00 -10.74 -15.31
C11 0N8 F . -40.71 -11.96 -14.64
C10 0N8 F . -41.22 -13.15 -15.59
C9 0N8 F . -42.31 -14.01 -14.94
C14 0N8 F . -39.79 -12.36 -13.47
O27 0N8 F . -39.51 -11.49 -12.66
C22 0N8 F . -39.20 -13.75 -13.41
C23 0N8 F . -38.28 -14.22 -12.53
O28 0N8 F . -37.80 -13.41 -11.56
C24 0N8 F . -37.75 -15.63 -12.60
O26 0N8 F . -38.28 -16.56 -13.26
O25 0N8 F . -36.72 -15.90 -11.97
C12 0N8 F . -41.99 -11.27 -14.13
C13 0N8 F . -42.93 -12.22 -13.42
N8 0N8 F . -42.77 -13.64 -13.61
C7 0N8 F . -43.97 -14.35 -13.06
#